data_2EN2
#
_entry.id   2EN2
#
loop_
_entity.id
_entity.type
_entity.pdbx_description
1 polymer 'B-cell lymphoma 6 protein'
2 non-polymer 'ZINC ION'
#
_entity_poly.entity_id   1
_entity_poly.type   'polypeptide(L)'
_entity_poly.pdbx_seq_one_letter_code
;GSSGSSGGEKPYKCETCGARFVQVAHLRAHVLIHTGSGPSSG
;
_entity_poly.pdbx_strand_id   A
#
loop_
_chem_comp.id
_chem_comp.type
_chem_comp.name
_chem_comp.formula
ZN non-polymer 'ZINC ION' 'Zn 2'
#
# COMPACT_ATOMS: atom_id res chain seq x y z
N GLY A 1 15.75 -13.41 -3.70
CA GLY A 1 16.25 -12.08 -3.97
C GLY A 1 15.20 -11.01 -3.80
N SER A 2 14.26 -10.94 -4.74
CA SER A 2 13.20 -9.95 -4.69
C SER A 2 12.75 -9.70 -3.27
N SER A 3 13.08 -8.52 -2.75
CA SER A 3 12.72 -8.16 -1.38
C SER A 3 11.92 -6.86 -1.35
N GLY A 4 12.53 -5.78 -1.84
CA GLY A 4 11.87 -4.50 -1.87
C GLY A 4 12.71 -3.42 -2.50
N SER A 5 13.01 -2.36 -1.75
CA SER A 5 13.82 -1.27 -2.26
C SER A 5 13.25 -0.73 -3.57
N SER A 6 11.93 -0.56 -3.61
CA SER A 6 11.27 -0.06 -4.81
C SER A 6 10.35 1.11 -4.47
N GLY A 7 10.73 2.29 -4.93
CA GLY A 7 9.94 3.48 -4.68
C GLY A 7 10.23 4.60 -5.65
N GLY A 8 9.63 4.53 -6.84
CA GLY A 8 9.84 5.56 -7.85
C GLY A 8 8.55 6.14 -8.36
N GLU A 9 8.17 5.76 -9.57
CA GLU A 9 6.94 6.26 -10.18
C GLU A 9 5.73 5.45 -9.72
N LYS A 10 4.87 6.08 -8.93
CA LYS A 10 3.68 5.42 -8.42
C LYS A 10 2.59 6.44 -8.08
N PRO A 11 1.57 6.51 -8.95
CA PRO A 11 0.45 7.44 -8.76
C PRO A 11 -0.45 7.06 -7.59
N TYR A 12 -0.63 5.75 -7.39
CA TYR A 12 -1.46 5.25 -6.31
C TYR A 12 -0.65 5.10 -5.03
N LYS A 13 -1.18 5.64 -3.94
CA LYS A 13 -0.51 5.57 -2.64
C LYS A 13 -1.49 5.19 -1.53
N CYS A 14 -1.05 4.31 -0.64
CA CYS A 14 -1.89 3.86 0.46
C CYS A 14 -1.79 4.82 1.65
N GLU A 15 -2.90 5.49 1.95
CA GLU A 15 -2.93 6.44 3.07
C GLU A 15 -2.98 5.71 4.40
N THR A 16 -3.54 4.51 4.39
CA THR A 16 -3.65 3.70 5.60
C THR A 16 -2.28 3.51 6.26
N CYS A 17 -1.27 3.26 5.44
CA CYS A 17 0.08 3.05 5.92
C CYS A 17 1.06 3.99 5.24
N GLY A 18 0.87 4.20 3.94
CA GLY A 18 1.74 5.08 3.19
C GLY A 18 2.45 4.37 2.05
N ALA A 19 1.94 3.20 1.68
CA ALA A 19 2.51 2.41 0.60
C ALA A 19 2.26 3.07 -0.75
N ARG A 20 2.77 2.46 -1.82
CA ARG A 20 2.61 2.98 -3.16
C ARG A 20 2.59 1.86 -4.19
N PHE A 21 2.02 2.14 -5.36
CA PHE A 21 1.94 1.15 -6.42
C PHE A 21 1.78 1.83 -7.79
N VAL A 22 2.10 1.09 -8.85
CA VAL A 22 1.99 1.63 -10.20
C VAL A 22 0.55 1.58 -10.70
N GLN A 23 -0.16 0.53 -10.32
CA GLN A 23 -1.56 0.35 -10.72
C GLN A 23 -2.46 0.23 -9.51
N VAL A 24 -3.66 0.78 -9.61
CA VAL A 24 -4.63 0.73 -8.52
C VAL A 24 -4.93 -0.71 -8.12
N ALA A 25 -5.04 -1.58 -9.12
CA ALA A 25 -5.32 -2.99 -8.87
C ALA A 25 -4.40 -3.56 -7.80
N HIS A 26 -3.20 -2.99 -7.70
CA HIS A 26 -2.22 -3.44 -6.72
C HIS A 26 -2.48 -2.79 -5.36
N LEU A 27 -2.60 -1.48 -5.35
CA LEU A 27 -2.86 -0.74 -4.11
C LEU A 27 -4.16 -1.18 -3.48
N ARG A 28 -5.25 -1.12 -4.24
CA ARG A 28 -6.56 -1.52 -3.75
C ARG A 28 -6.55 -2.96 -3.24
N ALA A 29 -5.54 -3.72 -3.69
CA ALA A 29 -5.41 -5.11 -3.27
C ALA A 29 -4.53 -5.24 -2.04
N HIS A 30 -3.82 -4.16 -1.70
CA HIS A 30 -2.94 -4.15 -0.55
C HIS A 30 -3.62 -3.49 0.64
N VAL A 31 -4.46 -2.50 0.36
CA VAL A 31 -5.17 -1.78 1.42
C VAL A 31 -6.13 -2.70 2.16
N LEU A 32 -6.46 -3.82 1.54
CA LEU A 32 -7.37 -4.80 2.14
C LEU A 32 -6.72 -5.47 3.35
N ILE A 33 -5.40 -5.39 3.42
CA ILE A 33 -4.67 -5.98 4.53
C ILE A 33 -5.06 -5.35 5.87
N HIS A 34 -5.17 -4.02 5.87
CA HIS A 34 -5.55 -3.30 7.08
C HIS A 34 -7.05 -3.39 7.33
N THR A 35 -7.83 -2.78 6.43
CA THR A 35 -9.29 -2.80 6.54
C THR A 35 -9.81 -4.22 6.65
N GLY A 36 -9.18 -5.14 5.94
CA GLY A 36 -9.59 -6.53 5.97
C GLY A 36 -8.62 -7.42 6.71
N SER A 37 -8.78 -8.73 6.56
CA SER A 37 -7.90 -9.68 7.22
C SER A 37 -7.94 -11.04 6.52
N GLY A 38 -6.79 -11.47 6.01
CA GLY A 38 -6.71 -12.75 5.32
C GLY A 38 -6.07 -13.82 6.16
N PRO A 39 -4.75 -14.02 5.99
CA PRO A 39 -3.99 -15.02 6.74
C PRO A 39 -3.84 -14.66 8.21
N SER A 40 -3.34 -15.61 9.00
CA SER A 40 -3.15 -15.39 10.42
C SER A 40 -1.78 -14.78 10.69
N SER A 41 -1.37 -13.83 9.84
CA SER A 41 -0.08 -13.17 9.99
C SER A 41 -0.03 -11.91 9.13
N GLY A 42 0.23 -10.77 9.77
CA GLY A 42 0.31 -9.51 9.05
C GLY A 42 -0.64 -8.48 9.60
ZN ZN B . -1.17 0.17 3.33
N GLY A 1 18.12 7.79 14.34
CA GLY A 1 18.74 8.86 13.58
C GLY A 1 17.93 9.25 12.37
N SER A 2 18.55 9.19 11.19
CA SER A 2 17.88 9.56 9.96
C SER A 2 18.06 8.48 8.90
N SER A 3 17.07 7.58 8.82
CA SER A 3 17.12 6.49 7.84
C SER A 3 15.76 6.31 7.17
N GLY A 4 15.79 5.86 5.92
CA GLY A 4 14.57 5.66 5.16
C GLY A 4 14.57 6.39 3.84
N SER A 5 14.95 5.69 2.78
CA SER A 5 14.99 6.28 1.45
C SER A 5 13.83 5.79 0.59
N SER A 6 12.90 6.69 0.27
CA SER A 6 11.74 6.33 -0.53
C SER A 6 11.73 7.14 -1.84
N GLY A 7 11.24 6.52 -2.91
CA GLY A 7 11.18 7.18 -4.19
C GLY A 7 10.96 6.21 -5.34
N GLY A 8 9.71 6.07 -5.75
CA GLY A 8 9.38 5.17 -6.85
C GLY A 8 8.16 5.61 -7.63
N GLU A 9 8.33 5.79 -8.93
CA GLU A 9 7.24 6.22 -9.79
C GLU A 9 5.97 5.41 -9.50
N LYS A 10 5.08 6.00 -8.71
CA LYS A 10 3.82 5.35 -8.36
C LYS A 10 2.74 6.38 -8.02
N PRO A 11 1.72 6.45 -8.88
CA PRO A 11 0.60 7.39 -8.71
C PRO A 11 -0.29 7.01 -7.53
N TYR A 12 -0.58 5.72 -7.40
CA TYR A 12 -1.42 5.23 -6.31
C TYR A 12 -0.63 5.11 -5.02
N LYS A 13 -1.16 5.65 -3.94
CA LYS A 13 -0.51 5.59 -2.64
C LYS A 13 -1.50 5.22 -1.55
N CYS A 14 -1.08 4.32 -0.65
CA CYS A 14 -1.92 3.88 0.44
C CYS A 14 -1.83 4.84 1.63
N GLU A 15 -2.94 5.50 1.92
CA GLU A 15 -2.99 6.46 3.03
C GLU A 15 -3.04 5.72 4.37
N THR A 16 -3.59 4.52 4.35
CA THR A 16 -3.71 3.71 5.57
C THR A 16 -2.35 3.52 6.23
N CYS A 17 -1.33 3.28 5.41
CA CYS A 17 0.02 3.08 5.91
C CYS A 17 1.01 4.03 5.22
N GLY A 18 0.83 4.21 3.93
CA GLY A 18 1.71 5.10 3.18
C GLY A 18 2.42 4.38 2.04
N ALA A 19 1.91 3.21 1.68
CA ALA A 19 2.49 2.44 0.59
C ALA A 19 2.25 3.09 -0.76
N ARG A 20 2.75 2.46 -1.82
CA ARG A 20 2.58 2.98 -3.17
C ARG A 20 2.56 1.85 -4.19
N PHE A 21 2.01 2.14 -5.36
CA PHE A 21 1.92 1.14 -6.43
C PHE A 21 1.76 1.81 -7.79
N VAL A 22 2.10 1.09 -8.85
CA VAL A 22 1.99 1.62 -10.20
C VAL A 22 0.55 1.59 -10.69
N GLN A 23 -0.17 0.52 -10.33
CA GLN A 23 -1.57 0.38 -10.72
C GLN A 23 -2.47 0.23 -9.50
N VAL A 24 -3.69 0.77 -9.61
CA VAL A 24 -4.64 0.70 -8.52
C VAL A 24 -4.91 -0.74 -8.10
N ALA A 25 -5.06 -1.61 -9.10
CA ALA A 25 -5.32 -3.03 -8.84
C ALA A 25 -4.38 -3.57 -7.77
N HIS A 26 -3.18 -2.98 -7.69
CA HIS A 26 -2.20 -3.41 -6.71
C HIS A 26 -2.46 -2.76 -5.34
N LEU A 27 -2.60 -1.45 -5.34
CA LEU A 27 -2.87 -0.71 -4.11
C LEU A 27 -4.17 -1.16 -3.47
N ARG A 28 -5.26 -1.09 -4.25
CA ARG A 28 -6.57 -1.49 -3.75
C ARG A 28 -6.55 -2.93 -3.26
N ALA A 29 -5.54 -3.69 -3.69
CA ALA A 29 -5.41 -5.08 -3.29
C ALA A 29 -4.53 -5.22 -2.06
N HIS A 30 -3.83 -4.14 -1.72
CA HIS A 30 -2.95 -4.15 -0.55
C HIS A 30 -3.63 -3.49 0.64
N VAL A 31 -4.46 -2.49 0.37
CA VAL A 31 -5.17 -1.78 1.42
C VAL A 31 -6.12 -2.71 2.17
N LEU A 32 -6.46 -3.82 1.54
CA LEU A 32 -7.36 -4.80 2.14
C LEU A 32 -6.71 -5.47 3.35
N ILE A 33 -5.39 -5.41 3.41
CA ILE A 33 -4.65 -6.01 4.52
C ILE A 33 -5.07 -5.40 5.85
N HIS A 34 -5.18 -4.07 5.88
CA HIS A 34 -5.58 -3.37 7.09
C HIS A 34 -7.08 -3.50 7.33
N THR A 35 -7.88 -3.01 6.39
CA THR A 35 -9.33 -3.07 6.51
C THR A 35 -9.82 -4.52 6.40
N GLY A 36 -10.74 -4.88 7.29
CA GLY A 36 -11.28 -6.23 7.28
C GLY A 36 -12.79 -6.25 7.50
N SER A 37 -13.50 -5.35 6.83
CA SER A 37 -14.95 -5.27 6.96
C SER A 37 -15.38 -5.62 8.38
N GLY A 38 -14.63 -5.13 9.37
CA GLY A 38 -14.96 -5.41 10.75
C GLY A 38 -15.72 -4.27 11.40
N PRO A 39 -16.64 -4.62 12.31
CA PRO A 39 -17.46 -3.62 13.02
C PRO A 39 -16.64 -2.80 14.02
N SER A 40 -15.66 -3.45 14.64
CA SER A 40 -14.81 -2.78 15.62
C SER A 40 -13.35 -2.92 15.25
N SER A 41 -13.03 -2.72 13.98
CA SER A 41 -11.66 -2.83 13.50
C SER A 41 -10.83 -1.62 13.92
N GLY A 42 -11.34 -0.43 13.61
CA GLY A 42 -10.64 0.78 13.96
C GLY A 42 -10.56 1.76 12.80
ZN ZN B . -1.25 0.17 3.31
N GLY A 1 14.17 1.93 6.82
CA GLY A 1 14.81 3.23 6.86
C GLY A 1 14.73 3.96 5.53
N SER A 2 14.49 5.26 5.60
CA SER A 2 14.39 6.08 4.39
C SER A 2 15.78 6.43 3.84
N SER A 3 16.32 5.53 3.03
CA SER A 3 17.64 5.74 2.44
C SER A 3 17.62 5.44 0.95
N GLY A 4 18.41 6.20 0.18
CA GLY A 4 18.47 5.99 -1.25
C GLY A 4 17.10 5.77 -1.87
N SER A 5 16.16 6.66 -1.55
CA SER A 5 14.80 6.55 -2.07
C SER A 5 14.47 7.75 -2.96
N SER A 6 14.82 7.65 -4.23
CA SER A 6 14.56 8.72 -5.19
C SER A 6 13.79 8.19 -6.40
N GLY A 7 14.31 7.13 -7.01
CA GLY A 7 13.66 6.56 -8.16
C GLY A 7 12.46 5.69 -7.80
N GLY A 8 11.27 6.17 -8.15
CA GLY A 8 10.06 5.43 -7.84
C GLY A 8 8.82 6.09 -8.40
N GLU A 9 8.25 5.49 -9.45
CA GLU A 9 7.06 6.04 -10.08
C GLU A 9 5.82 5.25 -9.66
N LYS A 10 4.94 5.90 -8.90
CA LYS A 10 3.71 5.28 -8.44
C LYS A 10 2.67 6.33 -8.07
N PRO A 11 1.64 6.45 -8.92
CA PRO A 11 0.55 7.41 -8.71
C PRO A 11 -0.34 7.03 -7.53
N TYR A 12 -0.60 5.73 -7.39
CA TYR A 12 -1.44 5.24 -6.30
C TYR A 12 -0.63 5.10 -5.01
N LYS A 13 -1.18 5.64 -3.93
CA LYS A 13 -0.52 5.58 -2.62
C LYS A 13 -1.50 5.19 -1.53
N CYS A 14 -1.07 4.31 -0.63
CA CYS A 14 -1.92 3.86 0.47
C CYS A 14 -1.82 4.81 1.66
N GLU A 15 -2.92 5.48 1.95
CA GLU A 15 -2.95 6.43 3.07
C GLU A 15 -3.00 5.69 4.40
N THR A 16 -3.56 4.48 4.39
CA THR A 16 -3.67 3.67 5.60
C THR A 16 -2.30 3.47 6.25
N CYS A 17 -1.29 3.21 5.44
CA CYS A 17 0.06 3.01 5.93
C CYS A 17 1.05 3.95 5.24
N GLY A 18 0.85 4.16 3.94
CA GLY A 18 1.73 5.04 3.20
C GLY A 18 2.42 4.34 2.05
N ALA A 19 1.91 3.16 1.69
CA ALA A 19 2.48 2.38 0.60
C ALA A 19 2.24 3.06 -0.75
N ARG A 20 2.74 2.44 -1.82
CA ARG A 20 2.58 2.97 -3.16
C ARG A 20 2.57 1.85 -4.20
N PHE A 21 2.00 2.14 -5.37
CA PHE A 21 1.92 1.16 -6.44
C PHE A 21 1.75 1.84 -7.79
N VAL A 22 2.09 1.12 -8.86
CA VAL A 22 1.97 1.67 -10.20
C VAL A 22 0.52 1.60 -10.70
N GLN A 23 -0.18 0.53 -10.34
CA GLN A 23 -1.56 0.35 -10.74
C GLN A 23 -2.46 0.21 -9.52
N VAL A 24 -3.66 0.78 -9.61
CA VAL A 24 -4.62 0.71 -8.52
C VAL A 24 -4.91 -0.72 -8.11
N ALA A 25 -5.06 -1.59 -9.12
CA ALA A 25 -5.33 -3.00 -8.86
C ALA A 25 -4.40 -3.57 -7.81
N HIS A 26 -3.21 -2.99 -7.70
CA HIS A 26 -2.22 -3.43 -6.73
C HIS A 26 -2.48 -2.80 -5.37
N LEU A 27 -2.60 -1.47 -5.35
CA LEU A 27 -2.85 -0.73 -4.11
C LEU A 27 -4.17 -1.19 -3.48
N ARG A 28 -5.25 -1.12 -4.25
CA ARG A 28 -6.56 -1.52 -3.75
C ARG A 28 -6.54 -2.96 -3.25
N ALA A 29 -5.53 -3.72 -3.69
CA ALA A 29 -5.40 -5.11 -3.28
C ALA A 29 -4.52 -5.24 -2.04
N HIS A 30 -3.81 -4.17 -1.71
CA HIS A 30 -2.93 -4.16 -0.54
C HIS A 30 -3.61 -3.49 0.65
N VAL A 31 -4.44 -2.49 0.36
CA VAL A 31 -5.15 -1.77 1.42
C VAL A 31 -6.11 -2.69 2.16
N LEU A 32 -6.46 -3.81 1.52
CA LEU A 32 -7.37 -4.78 2.13
C LEU A 32 -6.72 -5.45 3.34
N ILE A 33 -5.40 -5.38 3.42
CA ILE A 33 -4.67 -5.97 4.53
C ILE A 33 -5.08 -5.36 5.86
N HIS A 34 -5.19 -4.04 5.88
CA HIS A 34 -5.59 -3.32 7.09
C HIS A 34 -7.09 -3.43 7.33
N THR A 35 -7.87 -3.16 6.28
CA THR A 35 -9.32 -3.23 6.38
C THR A 35 -9.81 -4.66 6.17
N GLY A 36 -9.08 -5.63 6.71
CA GLY A 36 -9.47 -7.01 6.57
C GLY A 36 -9.61 -7.72 7.90
N SER A 37 -8.97 -8.88 8.04
CA SER A 37 -9.04 -9.65 9.28
C SER A 37 -8.57 -8.82 10.47
N GLY A 38 -9.38 -8.80 11.51
CA GLY A 38 -9.02 -8.03 12.70
C GLY A 38 -9.97 -6.86 12.93
N PRO A 39 -10.28 -6.60 14.21
CA PRO A 39 -11.17 -5.50 14.60
C PRO A 39 -10.55 -4.13 14.36
N SER A 40 -11.26 -3.28 13.64
CA SER A 40 -10.76 -1.94 13.35
C SER A 40 -11.14 -0.96 14.46
N SER A 41 -10.14 -0.24 14.96
CA SER A 41 -10.38 0.73 16.04
C SER A 41 -11.32 1.82 15.58
N GLY A 42 -12.44 1.96 16.28
CA GLY A 42 -13.42 2.98 15.93
C GLY A 42 -14.73 2.79 16.64
ZN ZN B . -1.24 0.19 3.33
N GLY A 1 14.96 -10.74 -9.79
CA GLY A 1 15.27 -10.06 -8.54
C GLY A 1 15.11 -8.56 -8.63
N SER A 2 15.17 -7.88 -7.48
CA SER A 2 15.01 -6.43 -7.44
C SER A 2 16.31 -5.76 -7.00
N SER A 3 17.43 -6.25 -7.52
CA SER A 3 18.74 -5.70 -7.19
C SER A 3 19.00 -4.41 -7.96
N GLY A 4 18.51 -3.30 -7.42
CA GLY A 4 18.71 -2.01 -8.07
C GLY A 4 17.42 -1.23 -8.19
N SER A 5 17.10 -0.44 -7.18
CA SER A 5 15.88 0.37 -7.18
C SER A 5 16.20 1.83 -7.44
N SER A 6 16.39 2.18 -8.70
CA SER A 6 16.70 3.56 -9.08
C SER A 6 15.43 4.35 -9.36
N GLY A 7 15.28 5.49 -8.67
CA GLY A 7 14.11 6.32 -8.86
C GLY A 7 12.86 5.69 -8.28
N GLY A 8 11.70 6.23 -8.65
CA GLY A 8 10.45 5.71 -8.14
C GLY A 8 9.24 6.41 -8.75
N GLU A 9 8.33 5.63 -9.31
CA GLU A 9 7.12 6.19 -9.92
C GLU A 9 5.89 5.38 -9.53
N LYS A 10 4.97 6.03 -8.83
CA LYS A 10 3.74 5.37 -8.39
C LYS A 10 2.65 6.41 -8.08
N PRO A 11 1.64 6.47 -8.94
CA PRO A 11 0.52 7.42 -8.77
C PRO A 11 -0.37 7.04 -7.59
N TYR A 12 -0.60 5.74 -7.41
CA TYR A 12 -1.44 5.26 -6.33
C TYR A 12 -0.63 5.13 -5.03
N LYS A 13 -1.18 5.65 -3.94
CA LYS A 13 -0.52 5.59 -2.64
C LYS A 13 -1.51 5.18 -1.55
N CYS A 14 -1.04 4.33 -0.63
CA CYS A 14 -1.88 3.86 0.46
C CYS A 14 -1.82 4.83 1.65
N GLU A 15 -2.94 5.47 1.93
CA GLU A 15 -3.01 6.43 3.03
C GLU A 15 -3.08 5.71 4.37
N THR A 16 -3.61 4.48 4.35
CA THR A 16 -3.74 3.68 5.57
C THR A 16 -2.38 3.48 6.24
N CYS A 17 -1.35 3.31 5.42
CA CYS A 17 0.00 3.11 5.94
C CYS A 17 0.99 4.05 5.25
N GLY A 18 0.83 4.23 3.95
CA GLY A 18 1.71 5.10 3.20
C GLY A 18 2.41 4.38 2.07
N ALA A 19 1.89 3.22 1.69
CA ALA A 19 2.49 2.43 0.61
C ALA A 19 2.26 3.10 -0.74
N ARG A 20 2.74 2.45 -1.79
CA ARG A 20 2.59 2.99 -3.14
C ARG A 20 2.57 1.87 -4.17
N PHE A 21 2.02 2.15 -5.34
CA PHE A 21 1.93 1.16 -6.41
C PHE A 21 1.76 1.84 -7.77
N VAL A 22 2.09 1.11 -8.84
CA VAL A 22 1.98 1.65 -10.19
C VAL A 22 0.54 1.58 -10.68
N GLN A 23 -0.15 0.51 -10.31
CA GLN A 23 -1.55 0.32 -10.73
C GLN A 23 -2.46 0.19 -9.51
N VAL A 24 -3.65 0.77 -9.61
CA VAL A 24 -4.61 0.71 -8.51
C VAL A 24 -4.92 -0.72 -8.11
N ALA A 25 -5.03 -1.60 -9.11
CA ALA A 25 -5.31 -3.00 -8.86
C ALA A 25 -4.39 -3.57 -7.79
N HIS A 26 -3.20 -3.00 -7.68
CA HIS A 26 -2.22 -3.45 -6.69
C HIS A 26 -2.49 -2.81 -5.33
N LEU A 27 -2.61 -1.49 -5.33
CA LEU A 27 -2.86 -0.74 -4.09
C LEU A 27 -4.18 -1.18 -3.46
N ARG A 28 -5.25 -1.12 -4.24
CA ARG A 28 -6.57 -1.51 -3.75
C ARG A 28 -6.56 -2.95 -3.24
N ALA A 29 -5.58 -3.73 -3.70
CA ALA A 29 -5.46 -5.12 -3.28
C ALA A 29 -4.56 -5.25 -2.06
N HIS A 30 -3.86 -4.17 -1.73
CA HIS A 30 -2.96 -4.17 -0.58
C HIS A 30 -3.62 -3.51 0.62
N VAL A 31 -4.43 -2.49 0.35
CA VAL A 31 -5.13 -1.76 1.40
C VAL A 31 -6.10 -2.68 2.16
N LEU A 32 -6.45 -3.80 1.54
CA LEU A 32 -7.35 -4.76 2.15
C LEU A 32 -6.70 -5.44 3.34
N ILE A 33 -5.38 -5.38 3.40
CA ILE A 33 -4.64 -5.98 4.51
C ILE A 33 -5.04 -5.38 5.84
N HIS A 34 -5.17 -4.06 5.88
CA HIS A 34 -5.56 -3.37 7.10
C HIS A 34 -7.06 -3.50 7.35
N THR A 35 -7.86 -3.26 6.30
CA THR A 35 -9.31 -3.35 6.40
C THR A 35 -9.78 -4.79 6.23
N GLY A 36 -9.07 -5.73 6.84
CA GLY A 36 -9.43 -7.13 6.74
C GLY A 36 -8.22 -8.03 6.64
N SER A 37 -7.57 -8.28 7.78
CA SER A 37 -6.39 -9.13 7.80
C SER A 37 -6.75 -10.56 8.23
N GLY A 38 -7.05 -11.40 7.24
CA GLY A 38 -7.41 -12.78 7.53
C GLY A 38 -6.21 -13.63 7.92
N PRO A 39 -6.34 -14.94 7.74
CA PRO A 39 -5.27 -15.89 8.08
C PRO A 39 -4.09 -15.79 7.11
N SER A 40 -2.91 -15.51 7.66
CA SER A 40 -1.70 -15.37 6.85
C SER A 40 -1.10 -16.74 6.54
N SER A 41 -1.97 -17.69 6.20
CA SER A 41 -1.53 -19.05 5.89
C SER A 41 -0.36 -19.46 6.78
N GLY A 42 -0.45 -19.12 8.06
CA GLY A 42 0.61 -19.46 9.00
C GLY A 42 0.06 -19.81 10.38
ZN ZN B . -1.11 0.06 3.36
N GLY A 1 20.84 -12.60 -0.96
CA GLY A 1 19.72 -11.87 -1.52
C GLY A 1 19.90 -10.38 -1.43
N SER A 2 20.58 -9.80 -2.42
CA SER A 2 20.83 -8.36 -2.45
C SER A 2 20.30 -7.75 -3.74
N SER A 3 19.10 -8.18 -4.15
CA SER A 3 18.49 -7.67 -5.37
C SER A 3 17.13 -7.05 -5.08
N GLY A 4 16.56 -6.39 -6.08
CA GLY A 4 15.26 -5.76 -5.90
C GLY A 4 14.75 -5.13 -7.18
N SER A 5 14.29 -3.89 -7.09
CA SER A 5 13.77 -3.18 -8.26
C SER A 5 14.38 -1.78 -8.37
N SER A 6 14.23 -1.16 -9.53
CA SER A 6 14.77 0.17 -9.78
C SER A 6 13.79 1.03 -10.56
N GLY A 7 13.31 2.09 -9.93
CA GLY A 7 12.36 2.97 -10.57
C GLY A 7 12.12 4.25 -9.78
N GLY A 8 10.91 4.38 -9.23
CA GLY A 8 10.59 5.58 -8.46
C GLY A 8 9.39 6.30 -9.02
N GLU A 9 8.36 5.56 -9.40
CA GLU A 9 7.14 6.14 -9.95
C GLU A 9 5.91 5.35 -9.54
N LYS A 10 4.98 6.00 -8.85
CA LYS A 10 3.76 5.35 -8.40
C LYS A 10 2.68 6.38 -8.09
N PRO A 11 1.66 6.46 -8.96
CA PRO A 11 0.54 7.39 -8.79
C PRO A 11 -0.35 7.03 -7.61
N TYR A 12 -0.58 5.74 -7.43
CA TYR A 12 -1.42 5.25 -6.35
C TYR A 12 -0.63 5.12 -5.05
N LYS A 13 -1.18 5.67 -3.98
CA LYS A 13 -0.53 5.63 -2.67
C LYS A 13 -1.51 5.19 -1.58
N CYS A 14 -1.05 4.32 -0.70
CA CYS A 14 -1.90 3.84 0.40
C CYS A 14 -1.88 4.81 1.57
N GLU A 15 -3.02 5.44 1.82
CA GLU A 15 -3.14 6.40 2.91
C GLU A 15 -3.22 5.68 4.26
N THR A 16 -3.71 4.44 4.25
CA THR A 16 -3.83 3.65 5.46
C THR A 16 -2.50 3.50 6.16
N CYS A 17 -1.42 3.35 5.37
CA CYS A 17 -0.09 3.19 5.91
C CYS A 17 0.89 4.14 5.23
N GLY A 18 0.75 4.29 3.92
CA GLY A 18 1.63 5.17 3.17
C GLY A 18 2.34 4.44 2.04
N ALA A 19 1.86 3.26 1.69
CA ALA A 19 2.45 2.47 0.62
C ALA A 19 2.23 3.13 -0.73
N ARG A 20 2.73 2.48 -1.79
CA ARG A 20 2.59 3.01 -3.13
C ARG A 20 2.58 1.87 -4.16
N PHE A 21 2.03 2.16 -5.33
CA PHE A 21 1.95 1.15 -6.40
C PHE A 21 1.78 1.83 -7.76
N VAL A 22 2.12 1.10 -8.82
CA VAL A 22 2.01 1.62 -10.17
C VAL A 22 0.57 1.56 -10.67
N GLN A 23 -0.13 0.50 -10.30
CA GLN A 23 -1.52 0.32 -10.70
C GLN A 23 -2.43 0.19 -9.49
N VAL A 24 -3.64 0.74 -9.60
CA VAL A 24 -4.61 0.69 -8.51
C VAL A 24 -4.90 -0.75 -8.10
N ALA A 25 -5.05 -1.63 -9.10
CA ALA A 25 -5.33 -3.04 -8.84
C ALA A 25 -4.39 -3.59 -7.77
N HIS A 26 -3.21 -3.00 -7.66
CA HIS A 26 -2.22 -3.44 -6.68
C HIS A 26 -2.48 -2.78 -5.33
N LEU A 27 -2.62 -1.46 -5.33
CA LEU A 27 -2.87 -0.72 -4.10
C LEU A 27 -4.19 -1.15 -3.46
N ARG A 28 -5.26 -1.09 -4.24
CA ARG A 28 -6.58 -1.47 -3.75
C ARG A 28 -6.58 -2.91 -3.25
N ALA A 29 -5.59 -3.68 -3.70
CA ALA A 29 -5.48 -5.09 -3.30
C ALA A 29 -4.59 -5.24 -2.08
N HIS A 30 -3.86 -4.17 -1.74
CA HIS A 30 -2.97 -4.18 -0.59
C HIS A 30 -3.62 -3.52 0.61
N VAL A 31 -4.44 -2.49 0.36
CA VAL A 31 -5.12 -1.78 1.41
C VAL A 31 -6.08 -2.70 2.18
N LEU A 32 -6.45 -3.81 1.54
CA LEU A 32 -7.36 -4.77 2.16
C LEU A 32 -6.70 -5.46 3.36
N ILE A 33 -5.37 -5.42 3.39
CA ILE A 33 -4.63 -6.03 4.48
C ILE A 33 -5.04 -5.45 5.84
N HIS A 34 -5.16 -4.12 5.89
CA HIS A 34 -5.56 -3.44 7.11
C HIS A 34 -7.05 -3.62 7.38
N THR A 35 -7.86 -3.32 6.38
CA THR A 35 -9.31 -3.45 6.51
C THR A 35 -9.76 -4.89 6.25
N GLY A 36 -8.96 -5.84 6.73
CA GLY A 36 -9.29 -7.24 6.55
C GLY A 36 -9.44 -7.98 7.87
N SER A 37 -10.03 -9.17 7.82
CA SER A 37 -10.21 -9.98 9.01
C SER A 37 -9.49 -11.32 8.90
N GLY A 38 -9.03 -11.83 10.03
CA GLY A 38 -8.31 -13.10 10.04
C GLY A 38 -7.53 -13.32 11.31
N PRO A 39 -6.79 -14.43 11.37
CA PRO A 39 -5.99 -14.80 12.53
C PRO A 39 -4.79 -13.87 12.72
N SER A 40 -4.49 -13.09 11.69
CA SER A 40 -3.37 -12.16 11.74
C SER A 40 -3.42 -11.30 13.00
N SER A 41 -2.52 -11.57 13.94
CA SER A 41 -2.47 -10.83 15.18
C SER A 41 -1.21 -11.17 15.98
N GLY A 42 -0.95 -10.41 17.04
CA GLY A 42 0.22 -10.66 17.86
C GLY A 42 0.38 -9.61 18.95
ZN ZN B . -1.13 0.03 3.35
N GLY A 1 22.87 3.72 4.01
CA GLY A 1 22.98 4.69 2.93
C GLY A 1 21.82 4.60 1.96
N SER A 2 21.17 5.74 1.71
CA SER A 2 20.03 5.77 0.79
C SER A 2 18.96 4.78 1.21
N SER A 3 18.70 4.70 2.51
CA SER A 3 17.70 3.78 3.05
C SER A 3 16.33 4.43 3.07
N GLY A 4 15.99 5.15 2.00
CA GLY A 4 14.71 5.81 1.93
C GLY A 4 14.11 5.74 0.54
N SER A 5 14.21 4.58 -0.10
CA SER A 5 13.68 4.39 -1.44
C SER A 5 13.81 5.66 -2.26
N SER A 6 14.97 6.31 -2.16
CA SER A 6 15.22 7.55 -2.89
C SER A 6 14.60 7.49 -4.29
N GLY A 7 13.49 8.19 -4.48
CA GLY A 7 12.82 8.20 -5.76
C GLY A 7 11.63 7.28 -5.81
N GLY A 8 11.31 6.78 -6.99
CA GLY A 8 10.18 5.88 -7.15
C GLY A 8 9.03 6.52 -7.89
N GLU A 9 8.41 5.76 -8.79
CA GLU A 9 7.29 6.25 -9.59
C GLU A 9 6.03 5.43 -9.31
N LYS A 10 5.06 6.07 -8.66
CA LYS A 10 3.80 5.40 -8.34
C LYS A 10 2.71 6.42 -8.02
N PRO A 11 1.68 6.48 -8.88
CA PRO A 11 0.56 7.40 -8.71
C PRO A 11 -0.33 7.03 -7.53
N TYR A 12 -0.60 5.73 -7.39
CA TYR A 12 -1.43 5.24 -6.30
C TYR A 12 -0.63 5.10 -5.01
N LYS A 13 -1.17 5.64 -3.92
CA LYS A 13 -0.51 5.58 -2.63
C LYS A 13 -1.49 5.20 -1.53
N CYS A 14 -1.08 4.30 -0.64
CA CYS A 14 -1.93 3.87 0.46
C CYS A 14 -1.84 4.82 1.64
N GLU A 15 -2.95 5.50 1.93
CA GLU A 15 -2.99 6.45 3.04
C GLU A 15 -3.02 5.73 4.38
N THR A 16 -3.58 4.51 4.37
CA THR A 16 -3.69 3.72 5.59
C THR A 16 -2.32 3.52 6.24
N CYS A 17 -1.32 3.23 5.42
CA CYS A 17 0.03 3.01 5.92
C CYS A 17 1.02 3.96 5.24
N GLY A 18 0.84 4.16 3.93
CA GLY A 18 1.72 5.04 3.19
C GLY A 18 2.42 4.32 2.05
N ALA A 19 1.91 3.16 1.68
CA ALA A 19 2.49 2.38 0.59
C ALA A 19 2.23 3.04 -0.75
N ARG A 20 2.75 2.42 -1.82
CA ARG A 20 2.58 2.96 -3.17
C ARG A 20 2.56 1.84 -4.19
N PHE A 21 1.99 2.13 -5.36
CA PHE A 21 1.91 1.14 -6.43
C PHE A 21 1.74 1.82 -7.79
N VAL A 22 2.09 1.11 -8.86
CA VAL A 22 1.98 1.64 -10.20
C VAL A 22 0.53 1.60 -10.69
N GLN A 23 -0.18 0.53 -10.34
CA GLN A 23 -1.57 0.37 -10.73
C GLN A 23 -2.47 0.24 -9.52
N VAL A 24 -3.68 0.78 -9.62
CA VAL A 24 -4.64 0.72 -8.53
C VAL A 24 -4.93 -0.72 -8.12
N ALA A 25 -5.03 -1.59 -9.12
CA ALA A 25 -5.30 -3.01 -8.87
C ALA A 25 -4.37 -3.57 -7.80
N HIS A 26 -3.18 -2.98 -7.70
CA HIS A 26 -2.20 -3.42 -6.71
C HIS A 26 -2.46 -2.78 -5.36
N LEU A 27 -2.61 -1.46 -5.35
CA LEU A 27 -2.88 -0.73 -4.11
C LEU A 27 -4.18 -1.18 -3.47
N ARG A 28 -5.26 -1.11 -4.25
CA ARG A 28 -6.58 -1.51 -3.77
C ARG A 28 -6.55 -2.96 -3.26
N ALA A 29 -5.54 -3.70 -3.69
CA ALA A 29 -5.41 -5.10 -3.29
C ALA A 29 -4.52 -5.23 -2.05
N HIS A 30 -3.82 -4.15 -1.71
CA HIS A 30 -2.95 -4.14 -0.54
C HIS A 30 -3.63 -3.49 0.65
N VAL A 31 -4.46 -2.48 0.37
CA VAL A 31 -5.18 -1.76 1.42
C VAL A 31 -6.13 -2.69 2.17
N LEU A 32 -6.45 -3.82 1.54
CA LEU A 32 -7.36 -4.80 2.14
C LEU A 32 -6.70 -5.47 3.35
N ILE A 33 -5.38 -5.38 3.42
CA ILE A 33 -4.63 -5.98 4.53
C ILE A 33 -5.05 -5.37 5.86
N HIS A 34 -5.23 -4.05 5.88
CA HIS A 34 -5.63 -3.35 7.08
C HIS A 34 -7.14 -3.47 7.31
N THR A 35 -7.92 -2.95 6.37
CA THR A 35 -9.37 -3.01 6.47
C THR A 35 -9.88 -4.44 6.47
N GLY A 36 -9.74 -5.11 7.60
CA GLY A 36 -10.18 -6.50 7.71
C GLY A 36 -11.05 -6.72 8.94
N SER A 37 -11.96 -7.68 8.84
CA SER A 37 -12.85 -8.00 9.94
C SER A 37 -12.08 -8.60 11.12
N GLY A 38 -12.36 -8.11 12.32
CA GLY A 38 -11.69 -8.60 13.50
C GLY A 38 -10.71 -7.60 14.07
N PRO A 39 -9.73 -8.11 14.85
CA PRO A 39 -8.71 -7.26 15.47
C PRO A 39 -7.74 -6.68 14.44
N SER A 40 -7.47 -5.38 14.54
CA SER A 40 -6.57 -4.71 13.63
C SER A 40 -5.12 -4.92 14.05
N SER A 41 -4.50 -5.98 13.53
CA SER A 41 -3.11 -6.29 13.86
C SER A 41 -2.30 -5.02 14.05
N GLY A 42 -2.44 -4.09 13.11
CA GLY A 42 -1.72 -2.83 13.19
C GLY A 42 -2.27 -1.90 14.26
ZN ZN B . -1.30 0.17 3.33
N GLY A 1 18.68 -2.27 5.31
CA GLY A 1 17.73 -1.40 5.97
C GLY A 1 16.44 -1.25 5.18
N SER A 2 15.57 -0.36 5.64
CA SER A 2 14.29 -0.13 4.98
C SER A 2 14.30 1.20 4.23
N SER A 3 14.42 1.14 2.91
CA SER A 3 14.44 2.34 2.09
C SER A 3 13.07 2.61 1.49
N GLY A 4 12.48 1.59 0.86
CA GLY A 4 11.18 1.74 0.25
C GLY A 4 11.25 2.20 -1.20
N SER A 5 11.96 1.43 -2.02
CA SER A 5 12.12 1.75 -3.43
C SER A 5 12.28 3.26 -3.62
N SER A 6 13.10 3.87 -2.77
CA SER A 6 13.34 5.31 -2.85
C SER A 6 13.45 5.77 -4.31
N GLY A 7 12.90 6.95 -4.59
CA GLY A 7 12.95 7.48 -5.94
C GLY A 7 12.25 6.58 -6.95
N GLY A 8 10.93 6.45 -6.80
CA GLY A 8 10.16 5.62 -7.70
C GLY A 8 8.91 6.31 -8.21
N GLU A 9 8.32 5.76 -9.28
CA GLU A 9 7.12 6.33 -9.86
C GLU A 9 5.89 5.51 -9.49
N LYS A 10 4.95 6.13 -8.79
CA LYS A 10 3.73 5.46 -8.38
C LYS A 10 2.63 6.46 -8.07
N PRO A 11 1.61 6.51 -8.94
CA PRO A 11 0.48 7.43 -8.78
C PRO A 11 -0.42 7.04 -7.61
N TYR A 12 -0.61 5.74 -7.42
CA TYR A 12 -1.45 5.24 -6.34
C TYR A 12 -0.64 5.11 -5.04
N LYS A 13 -1.19 5.65 -3.96
CA LYS A 13 -0.53 5.60 -2.66
C LYS A 13 -1.51 5.19 -1.57
N CYS A 14 -1.06 4.32 -0.67
CA CYS A 14 -1.89 3.84 0.42
C CYS A 14 -1.85 4.82 1.60
N GLU A 15 -2.99 5.46 1.87
CA GLU A 15 -3.07 6.42 2.96
C GLU A 15 -3.15 5.71 4.31
N THR A 16 -3.66 4.48 4.29
CA THR A 16 -3.79 3.68 5.51
C THR A 16 -2.45 3.51 6.19
N CYS A 17 -1.41 3.31 5.39
CA CYS A 17 -0.06 3.13 5.92
C CYS A 17 0.93 4.06 5.24
N GLY A 18 0.78 4.24 3.94
CA GLY A 18 1.66 5.12 3.19
C GLY A 18 2.37 4.39 2.06
N ALA A 19 1.87 3.22 1.70
CA ALA A 19 2.46 2.44 0.62
C ALA A 19 2.23 3.10 -0.73
N ARG A 20 2.74 2.46 -1.78
CA ARG A 20 2.60 2.99 -3.13
C ARG A 20 2.58 1.87 -4.17
N PHE A 21 2.03 2.15 -5.34
CA PHE A 21 1.95 1.16 -6.40
C PHE A 21 1.79 1.83 -7.77
N VAL A 22 2.12 1.11 -8.82
CA VAL A 22 2.01 1.63 -10.18
C VAL A 22 0.56 1.57 -10.68
N GLN A 23 -0.15 0.51 -10.30
CA GLN A 23 -1.53 0.34 -10.70
C GLN A 23 -2.44 0.21 -9.49
N VAL A 24 -3.65 0.75 -9.61
CA VAL A 24 -4.62 0.70 -8.52
C VAL A 24 -4.91 -0.74 -8.10
N ALA A 25 -5.05 -1.61 -9.10
CA ALA A 25 -5.33 -3.02 -8.84
C ALA A 25 -4.39 -3.58 -7.77
N HIS A 26 -3.20 -3.00 -7.67
CA HIS A 26 -2.21 -3.44 -6.69
C HIS A 26 -2.47 -2.79 -5.34
N LEU A 27 -2.62 -1.47 -5.33
CA LEU A 27 -2.87 -0.73 -4.11
C LEU A 27 -4.18 -1.16 -3.46
N ARG A 28 -5.26 -1.09 -4.24
CA ARG A 28 -6.58 -1.48 -3.75
C ARG A 28 -6.57 -2.92 -3.25
N ALA A 29 -5.58 -3.69 -3.70
CA ALA A 29 -5.46 -5.09 -3.29
C ALA A 29 -4.57 -5.24 -2.07
N HIS A 30 -3.85 -4.16 -1.74
CA HIS A 30 -2.96 -4.17 -0.58
C HIS A 30 -3.62 -3.51 0.62
N VAL A 31 -4.44 -2.49 0.36
CA VAL A 31 -5.14 -1.77 1.42
C VAL A 31 -6.09 -2.69 2.17
N LEU A 32 -6.45 -3.81 1.54
CA LEU A 32 -7.36 -4.77 2.16
C LEU A 32 -6.70 -5.45 3.35
N ILE A 33 -5.38 -5.40 3.41
CA ILE A 33 -4.63 -6.01 4.49
C ILE A 33 -5.05 -5.43 5.84
N HIS A 34 -5.19 -4.10 5.89
CA HIS A 34 -5.60 -3.42 7.11
C HIS A 34 -7.09 -3.60 7.37
N THR A 35 -7.90 -3.06 6.47
CA THR A 35 -9.35 -3.15 6.60
C THR A 35 -9.82 -4.60 6.54
N GLY A 36 -10.71 -4.98 7.44
CA GLY A 36 -11.22 -6.34 7.46
C GLY A 36 -11.96 -6.66 8.75
N SER A 37 -11.38 -7.54 9.56
CA SER A 37 -11.99 -7.93 10.82
C SER A 37 -11.36 -7.18 11.99
N GLY A 38 -11.13 -5.89 11.80
CA GLY A 38 -10.53 -5.08 12.85
C GLY A 38 -9.52 -4.09 12.30
N PRO A 39 -10.02 -2.93 11.85
CA PRO A 39 -9.17 -1.86 11.29
C PRO A 39 -8.32 -1.20 12.35
N SER A 40 -8.95 -0.81 13.46
CA SER A 40 -8.24 -0.15 14.56
C SER A 40 -8.45 -0.91 15.86
N SER A 41 -7.34 -1.29 16.49
CA SER A 41 -7.40 -2.02 17.76
C SER A 41 -6.22 -1.66 18.66
N GLY A 42 -6.49 -1.52 19.95
CA GLY A 42 -5.44 -1.18 20.90
C GLY A 42 -5.37 0.31 21.17
ZN ZN B . -1.16 0.04 3.37
N GLY A 1 23.47 4.68 7.50
CA GLY A 1 24.50 3.82 6.95
C GLY A 1 24.73 4.07 5.47
N SER A 2 24.59 3.03 4.66
CA SER A 2 24.79 3.15 3.22
C SER A 2 23.50 2.87 2.46
N SER A 3 22.39 3.40 2.98
CA SER A 3 21.09 3.21 2.35
C SER A 3 21.16 3.48 0.85
N GLY A 4 20.10 3.11 0.15
CA GLY A 4 20.06 3.32 -1.29
C GLY A 4 18.69 3.02 -1.88
N SER A 5 17.65 3.43 -1.18
CA SER A 5 16.28 3.21 -1.63
C SER A 5 15.57 4.53 -1.89
N SER A 6 15.22 4.78 -3.15
CA SER A 6 14.54 6.01 -3.53
C SER A 6 13.26 5.71 -4.31
N GLY A 7 12.36 6.68 -4.35
CA GLY A 7 11.10 6.50 -5.07
C GLY A 7 11.28 6.54 -6.57
N GLY A 8 10.53 5.69 -7.27
CA GLY A 8 10.62 5.65 -8.72
C GLY A 8 9.46 6.34 -9.40
N GLU A 9 8.29 5.70 -9.36
CA GLU A 9 7.09 6.27 -9.98
C GLU A 9 5.86 5.45 -9.60
N LYS A 10 4.99 6.05 -8.79
CA LYS A 10 3.77 5.39 -8.36
C LYS A 10 2.68 6.41 -8.05
N PRO A 11 1.65 6.47 -8.92
CA PRO A 11 0.54 7.39 -8.76
C PRO A 11 -0.36 7.01 -7.58
N TYR A 12 -0.60 5.72 -7.41
CA TYR A 12 -1.45 5.23 -6.34
C TYR A 12 -0.64 5.09 -5.05
N LYS A 13 -1.18 5.66 -3.97
CA LYS A 13 -0.53 5.60 -2.66
C LYS A 13 -1.51 5.18 -1.57
N CYS A 14 -1.05 4.33 -0.66
CA CYS A 14 -1.90 3.86 0.43
C CYS A 14 -1.85 4.83 1.61
N GLU A 15 -2.98 5.47 1.88
CA GLU A 15 -3.06 6.43 2.99
C GLU A 15 -3.13 5.71 4.33
N THR A 16 -3.65 4.48 4.30
CA THR A 16 -3.77 3.68 5.52
C THR A 16 -2.41 3.51 6.20
N CYS A 17 -1.38 3.30 5.39
CA CYS A 17 -0.03 3.12 5.92
C CYS A 17 0.96 4.07 5.24
N GLY A 18 0.80 4.25 3.93
CA GLY A 18 1.68 5.13 3.19
C GLY A 18 2.39 4.41 2.05
N ALA A 19 1.89 3.24 1.69
CA ALA A 19 2.50 2.45 0.61
C ALA A 19 2.26 3.11 -0.73
N ARG A 20 2.74 2.46 -1.80
CA ARG A 20 2.58 2.99 -3.15
C ARG A 20 2.57 1.87 -4.17
N PHE A 21 2.02 2.14 -5.34
CA PHE A 21 1.94 1.15 -6.41
C PHE A 21 1.77 1.82 -7.77
N VAL A 22 2.11 1.09 -8.83
CA VAL A 22 2.01 1.61 -10.18
C VAL A 22 0.56 1.56 -10.68
N GLN A 23 -0.14 0.50 -10.30
CA GLN A 23 -1.54 0.33 -10.71
C GLN A 23 -2.45 0.20 -9.50
N VAL A 24 -3.66 0.75 -9.60
CA VAL A 24 -4.62 0.71 -8.51
C VAL A 24 -4.91 -0.74 -8.10
N ALA A 25 -5.03 -1.62 -9.10
CA ALA A 25 -5.30 -3.03 -8.84
C ALA A 25 -4.37 -3.58 -7.76
N HIS A 26 -3.18 -3.00 -7.66
CA HIS A 26 -2.20 -3.43 -6.67
C HIS A 26 -2.46 -2.78 -5.32
N LEU A 27 -2.61 -1.46 -5.32
CA LEU A 27 -2.87 -0.72 -4.09
C LEU A 27 -4.19 -1.15 -3.46
N ARG A 28 -5.26 -1.07 -4.24
CA ARG A 28 -6.59 -1.46 -3.76
C ARG A 28 -6.59 -2.91 -3.27
N ALA A 29 -5.59 -3.67 -3.70
CA ALA A 29 -5.47 -5.07 -3.31
C ALA A 29 -4.59 -5.23 -2.08
N HIS A 30 -3.86 -4.17 -1.74
CA HIS A 30 -2.97 -4.18 -0.59
C HIS A 30 -3.63 -3.52 0.62
N VAL A 31 -4.44 -2.50 0.36
CA VAL A 31 -5.13 -1.79 1.42
C VAL A 31 -6.08 -2.70 2.18
N LEU A 32 -6.45 -3.80 1.55
CA LEU A 32 -7.36 -4.77 2.16
C LEU A 32 -6.70 -5.46 3.36
N ILE A 33 -5.37 -5.41 3.40
CA ILE A 33 -4.62 -6.01 4.50
C ILE A 33 -5.04 -5.43 5.83
N HIS A 34 -5.16 -4.11 5.89
CA HIS A 34 -5.56 -3.42 7.11
C HIS A 34 -7.05 -3.57 7.36
N THR A 35 -7.86 -3.07 6.44
CA THR A 35 -9.32 -3.15 6.55
C THR A 35 -9.80 -4.60 6.41
N GLY A 36 -10.69 -5.01 7.31
CA GLY A 36 -11.21 -6.37 7.26
C GLY A 36 -11.39 -6.97 8.64
N SER A 37 -12.21 -6.32 9.47
CA SER A 37 -12.47 -6.79 10.81
C SER A 37 -13.83 -6.30 11.32
N GLY A 38 -14.55 -7.18 12.00
CA GLY A 38 -15.85 -6.82 12.53
C GLY A 38 -15.86 -5.43 13.15
N PRO A 39 -15.67 -5.36 14.47
CA PRO A 39 -15.67 -4.10 15.20
C PRO A 39 -14.43 -3.25 14.88
N SER A 40 -14.29 -2.13 15.59
CA SER A 40 -13.16 -1.24 15.38
C SER A 40 -12.96 -0.96 13.89
N SER A 41 -14.06 -0.73 13.18
CA SER A 41 -14.00 -0.46 11.74
C SER A 41 -13.40 0.92 11.48
N GLY A 42 -13.85 1.91 12.26
CA GLY A 42 -13.36 3.27 12.09
C GLY A 42 -14.45 4.24 11.71
ZN ZN B . -1.17 0.06 3.34
N GLY A 1 23.80 6.50 8.75
CA GLY A 1 23.93 7.88 8.33
C GLY A 1 22.94 8.26 7.26
N SER A 2 23.20 9.36 6.58
CA SER A 2 22.31 9.85 5.51
C SER A 2 21.85 8.68 4.64
N SER A 3 20.54 8.44 4.64
CA SER A 3 19.97 7.36 3.84
C SER A 3 18.88 7.89 2.93
N GLY A 4 18.64 7.18 1.82
CA GLY A 4 17.63 7.60 0.88
C GLY A 4 16.58 6.52 0.65
N SER A 5 15.33 6.94 0.50
CA SER A 5 14.23 6.00 0.28
C SER A 5 14.25 5.48 -1.15
N SER A 6 13.37 4.52 -1.43
CA SER A 6 13.28 3.93 -2.76
C SER A 6 12.48 4.82 -3.70
N GLY A 7 13.16 5.80 -4.30
CA GLY A 7 12.50 6.72 -5.21
C GLY A 7 12.06 6.03 -6.49
N GLY A 8 10.81 6.25 -6.89
CA GLY A 8 10.30 5.65 -8.10
C GLY A 8 9.05 6.34 -8.61
N GLU A 9 8.29 5.65 -9.46
CA GLU A 9 7.07 6.20 -10.02
C GLU A 9 5.85 5.39 -9.57
N LYS A 10 4.94 6.05 -8.87
CA LYS A 10 3.73 5.40 -8.37
C LYS A 10 2.64 6.42 -8.09
N PRO A 11 1.62 6.47 -8.95
CA PRO A 11 0.50 7.40 -8.81
C PRO A 11 -0.40 7.03 -7.63
N TYR A 12 -0.59 5.73 -7.42
CA TYR A 12 -1.43 5.26 -6.33
C TYR A 12 -0.63 5.12 -5.05
N LYS A 13 -1.18 5.66 -3.95
CA LYS A 13 -0.52 5.60 -2.66
C LYS A 13 -1.50 5.19 -1.57
N CYS A 14 -1.05 4.32 -0.66
CA CYS A 14 -1.89 3.86 0.44
C CYS A 14 -1.83 4.83 1.61
N GLU A 15 -2.96 5.47 1.91
CA GLU A 15 -3.03 6.42 3.02
C GLU A 15 -3.10 5.69 4.35
N THR A 16 -3.61 4.47 4.34
CA THR A 16 -3.74 3.68 5.54
C THR A 16 -2.39 3.49 6.22
N CYS A 17 -1.34 3.30 5.42
CA CYS A 17 0.00 3.12 5.94
C CYS A 17 0.99 4.06 5.24
N GLY A 18 0.83 4.22 3.94
CA GLY A 18 1.70 5.11 3.19
C GLY A 18 2.40 4.39 2.05
N ALA A 19 1.89 3.21 1.69
CA ALA A 19 2.48 2.42 0.62
C ALA A 19 2.25 3.08 -0.74
N ARG A 20 2.74 2.45 -1.80
CA ARG A 20 2.59 2.99 -3.14
C ARG A 20 2.58 1.86 -4.18
N PHE A 21 2.01 2.14 -5.35
CA PHE A 21 1.94 1.15 -6.42
C PHE A 21 1.76 1.83 -7.78
N VAL A 22 2.10 1.10 -8.83
CA VAL A 22 1.99 1.64 -10.19
C VAL A 22 0.54 1.58 -10.69
N GLN A 23 -0.16 0.51 -10.32
CA GLN A 23 -1.55 0.34 -10.72
C GLN A 23 -2.46 0.21 -9.51
N VAL A 24 -3.66 0.78 -9.60
CA VAL A 24 -4.62 0.72 -8.51
C VAL A 24 -4.92 -0.72 -8.12
N ALA A 25 -5.03 -1.59 -9.12
CA ALA A 25 -5.31 -3.00 -8.87
C ALA A 25 -4.38 -3.57 -7.81
N HIS A 26 -3.20 -2.98 -7.69
CA HIS A 26 -2.22 -3.43 -6.70
C HIS A 26 -2.47 -2.78 -5.34
N LEU A 27 -2.62 -1.47 -5.33
CA LEU A 27 -2.87 -0.72 -4.10
C LEU A 27 -4.18 -1.16 -3.46
N ARG A 28 -5.25 -1.12 -4.23
CA ARG A 28 -6.57 -1.51 -3.74
C ARG A 28 -6.55 -2.95 -3.23
N ALA A 29 -5.58 -3.72 -3.70
CA ALA A 29 -5.45 -5.11 -3.29
C ALA A 29 -4.55 -5.24 -2.06
N HIS A 30 -3.85 -4.17 -1.72
CA HIS A 30 -2.96 -4.16 -0.57
C HIS A 30 -3.63 -3.51 0.63
N VAL A 31 -4.45 -2.50 0.37
CA VAL A 31 -5.16 -1.78 1.42
C VAL A 31 -6.11 -2.71 2.18
N LEU A 32 -6.46 -3.82 1.54
CA LEU A 32 -7.36 -4.79 2.15
C LEU A 32 -6.70 -5.48 3.34
N ILE A 33 -5.38 -5.38 3.42
CA ILE A 33 -4.64 -5.98 4.52
C ILE A 33 -5.03 -5.36 5.86
N HIS A 34 -5.14 -4.04 5.89
CA HIS A 34 -5.52 -3.33 7.10
C HIS A 34 -7.02 -3.45 7.36
N THR A 35 -7.82 -2.86 6.48
CA THR A 35 -9.26 -2.91 6.61
C THR A 35 -9.76 -4.34 6.77
N GLY A 36 -9.11 -5.26 6.07
CA GLY A 36 -9.50 -6.66 6.15
C GLY A 36 -8.77 -7.41 7.24
N SER A 37 -8.62 -8.72 7.05
CA SER A 37 -7.94 -9.56 8.04
C SER A 37 -8.25 -9.10 9.45
N GLY A 38 -9.52 -8.79 9.71
CA GLY A 38 -9.93 -8.34 11.03
C GLY A 38 -10.92 -7.20 10.97
N PRO A 39 -11.85 -7.16 11.94
CA PRO A 39 -12.86 -6.11 12.01
C PRO A 39 -12.27 -4.76 12.39
N SER A 40 -12.93 -3.69 11.95
CA SER A 40 -12.46 -2.34 12.23
C SER A 40 -13.36 -1.67 13.27
N SER A 41 -13.10 -1.93 14.54
CA SER A 41 -13.88 -1.36 15.62
C SER A 41 -14.16 0.12 15.37
N GLY A 42 -13.11 0.87 15.05
CA GLY A 42 -13.27 2.28 14.79
C GLY A 42 -12.68 2.70 13.46
ZN ZN B . -1.11 0.13 3.34
N GLY A 1 24.91 8.57 9.71
CA GLY A 1 24.86 8.18 8.30
C GLY A 1 23.46 8.26 7.74
N SER A 2 23.29 9.02 6.66
CA SER A 2 21.99 9.18 6.02
C SER A 2 22.13 9.31 4.51
N SER A 3 21.49 8.39 3.79
CA SER A 3 21.55 8.39 2.33
C SER A 3 20.37 7.63 1.74
N GLY A 4 19.92 8.06 0.57
CA GLY A 4 18.80 7.41 -0.09
C GLY A 4 18.61 7.87 -1.51
N SER A 5 18.65 6.92 -2.45
CA SER A 5 18.49 7.24 -3.87
C SER A 5 17.90 6.05 -4.63
N SER A 6 16.73 6.26 -5.22
CA SER A 6 16.06 5.21 -5.98
C SER A 6 14.82 5.75 -6.66
N GLY A 7 14.31 5.00 -7.64
CA GLY A 7 13.13 5.41 -8.36
C GLY A 7 11.85 5.19 -7.57
N GLY A 8 10.92 6.13 -7.66
CA GLY A 8 9.67 6.01 -6.94
C GLY A 8 8.49 6.56 -7.72
N GLU A 9 8.25 5.99 -8.90
CA GLU A 9 7.15 6.43 -9.74
C GLU A 9 5.89 5.60 -9.48
N LYS A 10 4.99 6.15 -8.68
CA LYS A 10 3.74 5.47 -8.34
C LYS A 10 2.63 6.47 -8.05
N PRO A 11 1.61 6.50 -8.92
CA PRO A 11 0.47 7.42 -8.77
C PRO A 11 -0.41 7.03 -7.59
N TYR A 12 -0.63 5.74 -7.41
CA TYR A 12 -1.47 5.23 -6.33
C TYR A 12 -0.65 5.09 -5.04
N LYS A 13 -1.18 5.65 -3.96
CA LYS A 13 -0.50 5.57 -2.66
C LYS A 13 -1.49 5.18 -1.56
N CYS A 14 -1.05 4.32 -0.66
CA CYS A 14 -1.89 3.88 0.45
C CYS A 14 -1.80 4.84 1.63
N GLU A 15 -2.91 5.50 1.93
CA GLU A 15 -2.95 6.46 3.03
C GLU A 15 -3.01 5.73 4.38
N THR A 16 -3.56 4.53 4.36
CA THR A 16 -3.68 3.73 5.58
C THR A 16 -2.33 3.53 6.24
N CYS A 17 -1.30 3.30 5.42
CA CYS A 17 0.05 3.09 5.93
C CYS A 17 1.03 4.03 5.24
N GLY A 18 0.85 4.21 3.93
CA GLY A 18 1.74 5.08 3.18
C GLY A 18 2.43 4.36 2.04
N ALA A 19 1.92 3.19 1.68
CA ALA A 19 2.49 2.40 0.60
C ALA A 19 2.25 3.06 -0.75
N ARG A 20 2.76 2.44 -1.81
CA ARG A 20 2.60 2.97 -3.15
C ARG A 20 2.57 1.85 -4.18
N PHE A 21 2.00 2.12 -5.35
CA PHE A 21 1.92 1.13 -6.42
C PHE A 21 1.75 1.82 -7.78
N VAL A 22 2.12 1.09 -8.84
CA VAL A 22 2.00 1.63 -10.20
C VAL A 22 0.56 1.59 -10.69
N GLN A 23 -0.15 0.53 -10.31
CA GLN A 23 -1.54 0.37 -10.72
C GLN A 23 -2.45 0.24 -9.50
N VAL A 24 -3.67 0.78 -9.61
CA VAL A 24 -4.63 0.72 -8.51
C VAL A 24 -4.92 -0.72 -8.11
N ALA A 25 -5.02 -1.60 -9.11
CA ALA A 25 -5.30 -3.00 -8.86
C ALA A 25 -4.36 -3.57 -7.79
N HIS A 26 -3.18 -2.98 -7.68
CA HIS A 26 -2.19 -3.42 -6.70
C HIS A 26 -2.45 -2.77 -5.33
N LEU A 27 -2.61 -1.44 -5.33
CA LEU A 27 -2.86 -0.71 -4.10
C LEU A 27 -4.18 -1.15 -3.47
N ARG A 28 -5.25 -1.09 -4.24
CA ARG A 28 -6.57 -1.49 -3.75
C ARG A 28 -6.56 -2.93 -3.26
N ALA A 29 -5.56 -3.69 -3.69
CA ALA A 29 -5.44 -5.09 -3.29
C ALA A 29 -4.55 -5.23 -2.06
N HIS A 30 -3.84 -4.16 -1.72
CA HIS A 30 -2.96 -4.16 -0.56
C HIS A 30 -3.63 -3.50 0.64
N VAL A 31 -4.46 -2.50 0.36
CA VAL A 31 -5.16 -1.79 1.43
C VAL A 31 -6.12 -2.71 2.17
N LEU A 32 -6.46 -3.83 1.54
CA LEU A 32 -7.36 -4.81 2.15
C LEU A 32 -6.71 -5.49 3.34
N ILE A 33 -5.38 -5.38 3.42
CA ILE A 33 -4.64 -5.98 4.52
C ILE A 33 -5.04 -5.36 5.86
N HIS A 34 -5.15 -4.04 5.88
CA HIS A 34 -5.53 -3.33 7.10
C HIS A 34 -7.03 -3.44 7.36
N THR A 35 -7.83 -2.85 6.47
CA THR A 35 -9.28 -2.89 6.61
C THR A 35 -9.78 -4.32 6.76
N GLY A 36 -9.10 -5.26 6.10
CA GLY A 36 -9.49 -6.66 6.19
C GLY A 36 -8.58 -7.46 7.10
N SER A 37 -9.18 -8.33 7.90
CA SER A 37 -8.41 -9.16 8.82
C SER A 37 -7.27 -9.87 8.10
N GLY A 38 -6.11 -9.92 8.74
CA GLY A 38 -4.95 -10.57 8.14
C GLY A 38 -5.03 -12.08 8.26
N PRO A 39 -4.44 -12.78 7.27
CA PRO A 39 -4.43 -14.24 7.24
C PRO A 39 -3.52 -14.84 8.31
N SER A 40 -2.29 -14.34 8.37
CA SER A 40 -1.32 -14.82 9.35
C SER A 40 -1.06 -13.77 10.42
N SER A 41 -1.25 -14.15 11.68
CA SER A 41 -1.05 -13.24 12.79
C SER A 41 -0.96 -14.01 14.11
N GLY A 42 -0.62 -13.29 15.18
CA GLY A 42 -0.51 -13.92 16.49
C GLY A 42 0.92 -14.03 16.96
ZN ZN B . -1.16 0.15 3.33
N GLY A 1 19.49 2.40 6.80
CA GLY A 1 18.83 1.22 6.28
C GLY A 1 19.52 0.65 5.06
N SER A 2 19.07 1.08 3.87
CA SER A 2 19.65 0.60 2.62
C SER A 2 19.50 1.65 1.53
N SER A 3 20.60 1.95 0.85
CA SER A 3 20.60 2.93 -0.23
C SER A 3 20.87 2.28 -1.58
N GLY A 4 19.93 2.40 -2.50
CA GLY A 4 20.09 1.82 -3.81
C GLY A 4 18.79 1.77 -4.60
N SER A 5 18.42 2.91 -5.19
CA SER A 5 17.18 3.00 -5.96
C SER A 5 17.48 3.08 -7.46
N SER A 6 16.47 2.81 -8.27
CA SER A 6 16.63 2.86 -9.72
C SER A 6 15.70 3.91 -10.33
N GLY A 7 14.41 3.79 -10.05
CA GLY A 7 13.45 4.74 -10.57
C GLY A 7 12.13 4.70 -9.83
N GLY A 8 11.82 5.77 -9.11
CA GLY A 8 10.58 5.82 -8.37
C GLY A 8 9.46 6.47 -9.15
N GLU A 9 8.28 5.85 -9.13
CA GLU A 9 7.12 6.37 -9.85
C GLU A 9 5.88 5.56 -9.55
N LYS A 10 4.98 6.11 -8.73
CA LYS A 10 3.74 5.44 -8.36
C LYS A 10 2.64 6.45 -8.07
N PRO A 11 1.63 6.49 -8.94
CA PRO A 11 0.49 7.40 -8.79
C PRO A 11 -0.41 7.03 -7.61
N TYR A 12 -0.62 5.72 -7.43
CA TYR A 12 -1.46 5.24 -6.34
C TYR A 12 -0.65 5.10 -5.05
N LYS A 13 -1.18 5.66 -3.97
CA LYS A 13 -0.51 5.59 -2.67
C LYS A 13 -1.50 5.19 -1.57
N CYS A 14 -1.05 4.31 -0.68
CA CYS A 14 -1.88 3.84 0.43
C CYS A 14 -1.85 4.83 1.58
N GLU A 15 -2.98 5.47 1.85
CA GLU A 15 -3.08 6.44 2.94
C GLU A 15 -3.14 5.73 4.28
N THR A 16 -3.65 4.50 4.28
CA THR A 16 -3.77 3.72 5.50
C THR A 16 -2.42 3.55 6.18
N CYS A 17 -1.38 3.32 5.38
CA CYS A 17 -0.03 3.14 5.91
C CYS A 17 0.95 4.09 5.23
N GLY A 18 0.79 4.25 3.92
CA GLY A 18 1.67 5.14 3.17
C GLY A 18 2.38 4.42 2.04
N ALA A 19 1.89 3.23 1.68
CA ALA A 19 2.50 2.45 0.61
C ALA A 19 2.26 3.11 -0.74
N ARG A 20 2.75 2.47 -1.80
CA ARG A 20 2.60 3.00 -3.14
C ARG A 20 2.58 1.87 -4.17
N PHE A 21 2.02 2.15 -5.34
CA PHE A 21 1.93 1.15 -6.40
C PHE A 21 1.77 1.82 -7.77
N VAL A 22 2.11 1.09 -8.83
CA VAL A 22 2.00 1.63 -10.18
C VAL A 22 0.56 1.56 -10.67
N GLN A 23 -0.15 0.50 -10.29
CA GLN A 23 -1.54 0.33 -10.70
C GLN A 23 -2.45 0.20 -9.49
N VAL A 24 -3.66 0.75 -9.60
CA VAL A 24 -4.63 0.70 -8.51
C VAL A 24 -4.91 -0.74 -8.10
N ALA A 25 -5.03 -1.62 -9.10
CA ALA A 25 -5.31 -3.03 -8.84
C ALA A 25 -4.37 -3.58 -7.77
N HIS A 26 -3.19 -3.00 -7.66
CA HIS A 26 -2.21 -3.44 -6.68
C HIS A 26 -2.46 -2.78 -5.32
N LEU A 27 -2.61 -1.46 -5.32
CA LEU A 27 -2.86 -0.72 -4.10
C LEU A 27 -4.18 -1.15 -3.46
N ARG A 28 -5.26 -1.08 -4.23
CA ARG A 28 -6.58 -1.47 -3.75
C ARG A 28 -6.58 -2.92 -3.26
N ALA A 29 -5.58 -3.68 -3.70
CA ALA A 29 -5.47 -5.08 -3.30
C ALA A 29 -4.58 -5.23 -2.08
N HIS A 30 -3.85 -4.16 -1.74
CA HIS A 30 -2.96 -4.18 -0.58
C HIS A 30 -3.62 -3.52 0.62
N VAL A 31 -4.44 -2.50 0.36
CA VAL A 31 -5.13 -1.79 1.42
C VAL A 31 -6.08 -2.70 2.18
N LEU A 32 -6.45 -3.80 1.54
CA LEU A 32 -7.37 -4.77 2.15
C LEU A 32 -6.71 -5.45 3.34
N ILE A 33 -5.38 -5.40 3.40
CA ILE A 33 -4.64 -6.02 4.48
C ILE A 33 -5.06 -5.45 5.83
N HIS A 34 -5.20 -4.13 5.90
CA HIS A 34 -5.60 -3.46 7.12
C HIS A 34 -7.09 -3.64 7.39
N THR A 35 -7.91 -3.18 6.45
CA THR A 35 -9.36 -3.29 6.58
C THR A 35 -9.81 -4.75 6.45
N GLY A 36 -10.72 -5.16 7.33
CA GLY A 36 -11.21 -6.52 7.30
C GLY A 36 -11.04 -7.24 8.63
N SER A 37 -10.75 -8.53 8.56
CA SER A 37 -10.56 -9.32 9.77
C SER A 37 -10.07 -10.73 9.42
N GLY A 38 -9.37 -11.36 10.36
CA GLY A 38 -8.86 -12.70 10.14
C GLY A 38 -7.36 -12.77 10.26
N PRO A 39 -6.65 -12.45 9.15
CA PRO A 39 -5.19 -12.48 9.11
C PRO A 39 -4.56 -11.37 9.95
N SER A 40 -5.41 -10.60 10.62
CA SER A 40 -4.95 -9.50 11.46
C SER A 40 -3.59 -9.83 12.10
N SER A 41 -3.51 -11.00 12.70
CA SER A 41 -2.28 -11.43 13.35
C SER A 41 -1.12 -11.49 12.36
N GLY A 42 -0.48 -10.34 12.15
CA GLY A 42 0.63 -10.27 11.21
C GLY A 42 0.20 -9.84 9.83
ZN ZN B . -1.20 0.02 3.36
N GLY A 1 22.92 -2.20 5.00
CA GLY A 1 21.91 -1.27 5.47
C GLY A 1 20.60 -1.43 4.74
N SER A 2 20.01 -0.31 4.31
CA SER A 2 18.74 -0.33 3.61
C SER A 2 18.90 -0.92 2.22
N SER A 3 17.82 -1.47 1.68
CA SER A 3 17.84 -2.06 0.35
C SER A 3 16.68 -1.55 -0.49
N GLY A 4 17.01 -0.87 -1.59
CA GLY A 4 15.99 -0.33 -2.47
C GLY A 4 16.55 0.68 -3.46
N SER A 5 15.73 1.64 -3.85
CA SER A 5 16.14 2.67 -4.80
C SER A 5 15.66 4.04 -4.37
N SER A 6 16.39 5.08 -4.75
CA SER A 6 16.03 6.44 -4.41
C SER A 6 15.00 7.01 -5.38
N GLY A 7 13.73 7.00 -4.96
CA GLY A 7 12.67 7.51 -5.80
C GLY A 7 11.78 6.40 -6.35
N GLY A 8 10.99 6.72 -7.36
CA GLY A 8 10.10 5.75 -7.95
C GLY A 8 8.84 6.37 -8.52
N GLU A 9 8.22 5.68 -9.48
CA GLU A 9 7.00 6.18 -10.10
C GLU A 9 5.79 5.37 -9.64
N LYS A 10 4.90 6.02 -8.91
CA LYS A 10 3.69 5.37 -8.41
C LYS A 10 2.61 6.40 -8.10
N PRO A 11 1.58 6.47 -8.96
CA PRO A 11 0.47 7.41 -8.80
C PRO A 11 -0.42 7.03 -7.62
N TYR A 12 -0.62 5.73 -7.42
CA TYR A 12 -1.46 5.25 -6.33
C TYR A 12 -0.65 5.11 -5.05
N LYS A 13 -1.19 5.65 -3.95
CA LYS A 13 -0.53 5.59 -2.66
C LYS A 13 -1.50 5.18 -1.57
N CYS A 14 -1.05 4.31 -0.66
CA CYS A 14 -1.88 3.83 0.44
C CYS A 14 -1.82 4.80 1.61
N GLU A 15 -2.96 5.45 1.89
CA GLU A 15 -3.04 6.40 2.99
C GLU A 15 -3.10 5.68 4.33
N THR A 16 -3.63 4.46 4.31
CA THR A 16 -3.75 3.66 5.52
C THR A 16 -2.39 3.48 6.20
N CYS A 17 -1.36 3.29 5.39
CA CYS A 17 0.00 3.10 5.92
C CYS A 17 0.98 4.06 5.24
N GLY A 18 0.82 4.23 3.93
CA GLY A 18 1.69 5.11 3.18
C GLY A 18 2.40 4.40 2.05
N ALA A 19 1.91 3.22 1.68
CA ALA A 19 2.50 2.44 0.61
C ALA A 19 2.26 3.10 -0.75
N ARG A 20 2.77 2.47 -1.80
CA ARG A 20 2.60 3.00 -3.15
C ARG A 20 2.59 1.87 -4.18
N PHE A 21 2.02 2.14 -5.35
CA PHE A 21 1.95 1.15 -6.41
C PHE A 21 1.78 1.83 -7.77
N VAL A 22 2.10 1.09 -8.83
CA VAL A 22 1.99 1.61 -10.19
C VAL A 22 0.55 1.56 -10.68
N GLN A 23 -0.15 0.50 -10.30
CA GLN A 23 -1.55 0.33 -10.72
C GLN A 23 -2.45 0.20 -9.50
N VAL A 24 -3.66 0.76 -9.59
CA VAL A 24 -4.61 0.71 -8.51
C VAL A 24 -4.91 -0.74 -8.10
N ALA A 25 -5.04 -1.61 -9.09
CA ALA A 25 -5.32 -3.02 -8.85
C ALA A 25 -4.38 -3.59 -7.77
N HIS A 26 -3.19 -3.00 -7.66
CA HIS A 26 -2.22 -3.44 -6.68
C HIS A 26 -2.48 -2.79 -5.32
N LEU A 27 -2.61 -1.47 -5.32
CA LEU A 27 -2.86 -0.73 -4.09
C LEU A 27 -4.18 -1.16 -3.46
N ARG A 28 -5.25 -1.10 -4.23
CA ARG A 28 -6.58 -1.48 -3.75
C ARG A 28 -6.57 -2.92 -3.25
N ALA A 29 -5.58 -3.69 -3.70
CA ALA A 29 -5.47 -5.09 -3.30
C ALA A 29 -4.57 -5.24 -2.07
N HIS A 30 -3.84 -4.16 -1.74
CA HIS A 30 -2.96 -4.18 -0.58
C HIS A 30 -3.61 -3.51 0.62
N VAL A 31 -4.43 -2.50 0.35
CA VAL A 31 -5.12 -1.78 1.41
C VAL A 31 -6.09 -2.69 2.17
N LEU A 32 -6.45 -3.80 1.54
CA LEU A 32 -7.36 -4.76 2.14
C LEU A 32 -6.71 -5.45 3.35
N ILE A 33 -5.40 -5.40 3.40
CA ILE A 33 -4.65 -6.02 4.50
C ILE A 33 -5.05 -5.41 5.84
N HIS A 34 -5.15 -4.08 5.88
CA HIS A 34 -5.53 -3.38 7.09
C HIS A 34 -7.02 -3.51 7.36
N THR A 35 -7.83 -2.98 6.44
CA THR A 35 -9.29 -3.03 6.58
C THR A 35 -9.79 -4.46 6.44
N GLY A 36 -10.78 -4.82 7.25
CA GLY A 36 -11.35 -6.15 7.21
C GLY A 36 -12.11 -6.51 8.46
N SER A 37 -11.92 -7.72 8.96
CA SER A 37 -12.60 -8.18 10.16
C SER A 37 -11.76 -7.92 11.39
N GLY A 38 -11.26 -6.70 11.52
CA GLY A 38 -10.44 -6.33 12.66
C GLY A 38 -9.24 -7.24 12.81
N PRO A 39 -8.14 -6.91 12.11
CA PRO A 39 -6.91 -7.69 12.14
C PRO A 39 -6.19 -7.56 13.48
N SER A 40 -5.03 -8.21 13.60
CA SER A 40 -4.25 -8.17 14.82
C SER A 40 -3.12 -7.14 14.71
N SER A 41 -3.37 -5.94 15.20
CA SER A 41 -2.39 -4.87 15.16
C SER A 41 -0.99 -5.40 15.47
N GLY A 42 -0.84 -6.00 16.65
CA GLY A 42 0.44 -6.54 17.05
C GLY A 42 0.31 -7.88 17.75
ZN ZN B . -1.10 0.06 3.34
N GLY A 1 12.90 1.19 11.16
CA GLY A 1 12.72 1.82 9.85
C GLY A 1 13.91 1.64 8.95
N SER A 2 13.66 1.10 7.76
CA SER A 2 14.72 0.86 6.79
C SER A 2 14.31 1.33 5.39
N SER A 3 13.10 0.94 4.99
CA SER A 3 12.58 1.32 3.68
C SER A 3 11.81 2.64 3.75
N GLY A 4 12.35 3.65 3.08
CA GLY A 4 11.71 4.96 3.08
C GLY A 4 11.80 5.65 1.73
N SER A 5 12.55 6.74 1.67
CA SER A 5 12.71 7.50 0.43
C SER A 5 13.46 6.67 -0.61
N SER A 6 12.72 6.17 -1.60
CA SER A 6 13.32 5.36 -2.66
C SER A 6 13.51 6.19 -3.93
N GLY A 7 12.45 6.86 -4.35
CA GLY A 7 12.53 7.67 -5.55
C GLY A 7 12.15 6.89 -6.80
N GLY A 8 10.86 6.62 -6.97
CA GLY A 8 10.40 5.88 -8.13
C GLY A 8 9.24 6.55 -8.82
N GLU A 9 8.27 5.76 -9.25
CA GLU A 9 7.09 6.28 -9.94
C GLU A 9 5.85 5.47 -9.58
N LYS A 10 4.96 6.07 -8.79
CA LYS A 10 3.73 5.40 -8.37
C LYS A 10 2.65 6.43 -8.05
N PRO A 11 1.62 6.48 -8.91
CA PRO A 11 0.50 7.42 -8.74
C PRO A 11 -0.39 7.03 -7.56
N TYR A 12 -0.63 5.73 -7.40
CA TYR A 12 -1.46 5.24 -6.30
C TYR A 12 -0.65 5.10 -5.02
N LYS A 13 -1.18 5.63 -3.93
CA LYS A 13 -0.51 5.56 -2.63
C LYS A 13 -1.49 5.17 -1.54
N CYS A 14 -1.03 4.32 -0.62
CA CYS A 14 -1.87 3.86 0.48
C CYS A 14 -1.79 4.84 1.66
N GLU A 15 -2.91 5.49 1.95
CA GLU A 15 -2.97 6.46 3.05
C GLU A 15 -3.02 5.73 4.39
N THR A 16 -3.56 4.52 4.39
CA THR A 16 -3.67 3.72 5.61
C THR A 16 -2.30 3.52 6.25
N CYS A 17 -1.28 3.31 5.43
CA CYS A 17 0.07 3.11 5.93
C CYS A 17 1.05 4.06 5.24
N GLY A 18 0.87 4.24 3.94
CA GLY A 18 1.74 5.13 3.19
C GLY A 18 2.45 4.41 2.05
N ALA A 19 1.94 3.24 1.68
CA ALA A 19 2.52 2.45 0.60
C ALA A 19 2.27 3.11 -0.75
N ARG A 20 2.77 2.47 -1.81
CA ARG A 20 2.60 3.01 -3.17
C ARG A 20 2.59 1.88 -4.19
N PHE A 21 2.01 2.14 -5.35
CA PHE A 21 1.94 1.15 -6.42
C PHE A 21 1.78 1.82 -7.78
N VAL A 22 2.11 1.09 -8.84
CA VAL A 22 2.00 1.62 -10.20
C VAL A 22 0.57 1.56 -10.69
N GLN A 23 -0.15 0.50 -10.32
CA GLN A 23 -1.53 0.33 -10.73
C GLN A 23 -2.45 0.20 -9.51
N VAL A 24 -3.64 0.77 -9.61
CA VAL A 24 -4.61 0.72 -8.52
C VAL A 24 -4.92 -0.71 -8.12
N ALA A 25 -5.03 -1.59 -9.12
CA ALA A 25 -5.32 -2.99 -8.87
C ALA A 25 -4.39 -3.56 -7.80
N HIS A 26 -3.20 -2.99 -7.69
CA HIS A 26 -2.22 -3.44 -6.70
C HIS A 26 -2.48 -2.80 -5.35
N LEU A 27 -2.60 -1.47 -5.34
CA LEU A 27 -2.86 -0.74 -4.10
C LEU A 27 -4.18 -1.17 -3.46
N ARG A 28 -5.25 -1.12 -4.24
CA ARG A 28 -6.57 -1.51 -3.75
C ARG A 28 -6.56 -2.95 -3.24
N ALA A 29 -5.58 -3.72 -3.70
CA ALA A 29 -5.45 -5.11 -3.29
C ALA A 29 -4.56 -5.24 -2.06
N HIS A 30 -3.85 -4.17 -1.72
CA HIS A 30 -2.96 -4.16 -0.57
C HIS A 30 -3.62 -3.50 0.63
N VAL A 31 -4.45 -2.50 0.35
CA VAL A 31 -5.16 -1.77 1.41
C VAL A 31 -6.12 -2.69 2.16
N LEU A 32 -6.45 -3.82 1.54
CA LEU A 32 -7.36 -4.79 2.14
C LEU A 32 -6.70 -5.46 3.35
N ILE A 33 -5.39 -5.37 3.43
CA ILE A 33 -4.63 -5.97 4.52
C ILE A 33 -5.04 -5.36 5.86
N HIS A 34 -5.15 -4.03 5.89
CA HIS A 34 -5.54 -3.32 7.10
C HIS A 34 -7.04 -3.44 7.35
N THR A 35 -7.83 -2.84 6.47
CA THR A 35 -9.28 -2.88 6.60
C THR A 35 -9.79 -4.30 6.74
N GLY A 36 -9.16 -5.21 6.00
CA GLY A 36 -9.56 -6.61 6.05
C GLY A 36 -10.91 -6.85 5.40
N SER A 37 -11.34 -8.12 5.37
CA SER A 37 -12.61 -8.48 4.77
C SER A 37 -13.77 -8.19 5.73
N GLY A 38 -14.98 -8.48 5.27
CA GLY A 38 -16.16 -8.25 6.10
C GLY A 38 -15.95 -8.71 7.53
N PRO A 39 -16.54 -7.98 8.48
CA PRO A 39 -16.44 -8.30 9.91
C PRO A 39 -17.20 -9.57 10.28
N SER A 40 -18.46 -9.63 9.86
CA SER A 40 -19.30 -10.80 10.15
C SER A 40 -20.48 -10.86 9.19
N SER A 41 -21.26 -11.93 9.31
CA SER A 41 -22.42 -12.12 8.44
C SER A 41 -23.57 -11.21 8.87
N GLY A 42 -24.03 -10.38 7.94
CA GLY A 42 -25.12 -9.47 8.23
C GLY A 42 -25.03 -8.18 7.44
ZN ZN B . -1.11 0.10 3.36
N GLY A 1 14.78 -8.14 0.13
CA GLY A 1 14.55 -7.81 -1.28
C GLY A 1 14.37 -6.32 -1.49
N SER A 2 13.28 -5.78 -0.95
CA SER A 2 12.99 -4.36 -1.11
C SER A 2 14.18 -3.51 -0.63
N SER A 3 14.64 -3.78 0.58
CA SER A 3 15.76 -3.05 1.15
C SER A 3 15.62 -1.55 0.88
N GLY A 4 14.39 -1.04 1.04
CA GLY A 4 14.15 0.38 0.80
C GLY A 4 13.22 0.61 -0.37
N SER A 5 13.70 1.32 -1.37
CA SER A 5 12.90 1.63 -2.55
C SER A 5 13.29 0.73 -3.72
N SER A 6 12.30 0.37 -4.54
CA SER A 6 12.53 -0.49 -5.68
C SER A 6 12.34 0.28 -6.99
N GLY A 7 11.12 0.78 -7.20
CA GLY A 7 10.83 1.53 -8.41
C GLY A 7 11.07 3.02 -8.24
N GLY A 8 10.01 3.81 -8.35
CA GLY A 8 10.13 5.25 -8.20
C GLY A 8 8.85 5.98 -8.54
N GLU A 9 8.23 5.62 -9.67
CA GLU A 9 7.00 6.25 -10.09
C GLU A 9 5.79 5.43 -9.64
N LYS A 10 4.89 6.08 -8.90
CA LYS A 10 3.68 5.41 -8.40
C LYS A 10 2.60 6.43 -8.07
N PRO A 11 1.58 6.51 -8.95
CA PRO A 11 0.46 7.44 -8.76
C PRO A 11 -0.43 7.04 -7.59
N TYR A 12 -0.62 5.74 -7.40
CA TYR A 12 -1.46 5.24 -6.32
C TYR A 12 -0.66 5.09 -5.04
N LYS A 13 -1.18 5.64 -3.94
CA LYS A 13 -0.52 5.58 -2.65
C LYS A 13 -1.50 5.19 -1.55
N CYS A 14 -1.05 4.33 -0.64
CA CYS A 14 -1.89 3.88 0.46
C CYS A 14 -1.80 4.85 1.65
N GLU A 15 -2.92 5.51 1.94
CA GLU A 15 -2.97 6.46 3.04
C GLU A 15 -3.02 5.74 4.38
N THR A 16 -3.57 4.53 4.38
CA THR A 16 -3.69 3.73 5.59
C THR A 16 -2.32 3.53 6.24
N CYS A 17 -1.30 3.29 5.43
CA CYS A 17 0.05 3.07 5.92
C CYS A 17 1.03 4.02 5.24
N GLY A 18 0.85 4.21 3.93
CA GLY A 18 1.74 5.10 3.19
C GLY A 18 2.45 4.39 2.05
N ALA A 19 1.93 3.22 1.68
CA ALA A 19 2.52 2.43 0.60
C ALA A 19 2.27 3.09 -0.75
N ARG A 20 2.77 2.46 -1.81
CA ARG A 20 2.60 2.99 -3.16
C ARG A 20 2.58 1.85 -4.19
N PHE A 21 2.02 2.14 -5.36
CA PHE A 21 1.94 1.14 -6.42
C PHE A 21 1.77 1.82 -7.78
N VAL A 22 2.12 1.09 -8.84
CA VAL A 22 2.00 1.62 -10.20
C VAL A 22 0.57 1.56 -10.69
N GLN A 23 -0.14 0.51 -10.31
CA GLN A 23 -1.54 0.34 -10.72
C GLN A 23 -2.45 0.21 -9.50
N VAL A 24 -3.64 0.77 -9.61
CA VAL A 24 -4.61 0.72 -8.52
C VAL A 24 -4.92 -0.72 -8.12
N ALA A 25 -5.03 -1.60 -9.11
CA ALA A 25 -5.31 -3.00 -8.86
C ALA A 25 -4.38 -3.57 -7.79
N HIS A 26 -3.19 -2.99 -7.68
CA HIS A 26 -2.21 -3.44 -6.69
C HIS A 26 -2.48 -2.79 -5.33
N LEU A 27 -2.61 -1.47 -5.33
CA LEU A 27 -2.86 -0.72 -4.10
C LEU A 27 -4.18 -1.16 -3.46
N ARG A 28 -5.25 -1.11 -4.25
CA ARG A 28 -6.57 -1.49 -3.75
C ARG A 28 -6.56 -2.94 -3.25
N ALA A 29 -5.57 -3.71 -3.70
CA ALA A 29 -5.44 -5.10 -3.29
C ALA A 29 -4.55 -5.24 -2.05
N HIS A 30 -3.85 -4.16 -1.73
CA HIS A 30 -2.96 -4.15 -0.56
C HIS A 30 -3.62 -3.50 0.63
N VAL A 31 -4.45 -2.49 0.36
CA VAL A 31 -5.16 -1.77 1.42
C VAL A 31 -6.10 -2.70 2.17
N LEU A 32 -6.46 -3.81 1.54
CA LEU A 32 -7.36 -4.78 2.15
C LEU A 32 -6.71 -5.46 3.35
N ILE A 33 -5.39 -5.40 3.41
CA ILE A 33 -4.64 -6.00 4.51
C ILE A 33 -5.06 -5.40 5.84
N HIS A 34 -5.19 -4.08 5.88
CA HIS A 34 -5.60 -3.39 7.10
C HIS A 34 -7.09 -3.55 7.35
N THR A 35 -7.90 -3.09 6.40
CA THR A 35 -9.35 -3.17 6.52
C THR A 35 -9.82 -4.62 6.37
N GLY A 36 -10.72 -5.03 7.27
CA GLY A 36 -11.23 -6.39 7.23
C GLY A 36 -12.73 -6.43 7.07
N SER A 37 -13.31 -7.62 7.18
CA SER A 37 -14.76 -7.79 7.04
C SER A 37 -15.42 -7.89 8.40
N GLY A 38 -14.87 -8.74 9.27
CA GLY A 38 -15.43 -8.91 10.61
C GLY A 38 -14.38 -9.27 11.63
N PRO A 39 -14.54 -8.76 12.86
CA PRO A 39 -13.61 -9.02 13.96
C PRO A 39 -13.67 -10.47 14.44
N SER A 40 -12.87 -11.33 13.82
CA SER A 40 -12.83 -12.74 14.18
C SER A 40 -11.75 -13.01 15.22
N SER A 41 -10.55 -12.49 14.95
CA SER A 41 -9.42 -12.68 15.86
C SER A 41 -8.63 -11.37 16.03
N GLY A 42 -8.45 -10.96 17.27
CA GLY A 42 -7.73 -9.73 17.55
C GLY A 42 -7.72 -9.39 19.01
ZN ZN B . -1.21 0.10 3.35
N GLY A 1 15.90 6.81 10.94
CA GLY A 1 15.72 6.97 9.51
C GLY A 1 15.36 8.39 9.13
N SER A 2 16.36 9.24 9.00
CA SER A 2 16.14 10.64 8.65
C SER A 2 16.49 10.88 7.19
N SER A 3 15.57 10.54 6.29
CA SER A 3 15.79 10.72 4.86
C SER A 3 14.53 10.37 4.07
N GLY A 4 14.22 11.18 3.07
CA GLY A 4 13.05 10.95 2.26
C GLY A 4 13.07 9.59 1.58
N SER A 5 12.02 8.80 1.77
CA SER A 5 11.94 7.47 1.18
C SER A 5 11.13 7.51 -0.12
N SER A 6 11.78 7.90 -1.21
CA SER A 6 11.12 7.99 -2.51
C SER A 6 10.68 6.60 -2.98
N GLY A 7 9.71 6.57 -3.88
CA GLY A 7 9.21 5.31 -4.40
C GLY A 7 9.10 5.30 -5.92
N GLY A 8 10.23 5.54 -6.58
CA GLY A 8 10.23 5.56 -8.04
C GLY A 8 8.99 6.20 -8.61
N GLU A 9 8.29 5.47 -9.48
CA GLU A 9 7.08 5.98 -10.10
C GLU A 9 5.85 5.21 -9.63
N LYS A 10 4.98 5.88 -8.90
CA LYS A 10 3.76 5.25 -8.39
C LYS A 10 2.69 6.30 -8.08
N PRO A 11 1.68 6.39 -8.95
CA PRO A 11 0.57 7.35 -8.80
C PRO A 11 -0.33 6.99 -7.62
N TYR A 12 -0.59 5.69 -7.45
CA TYR A 12 -1.44 5.23 -6.35
C TYR A 12 -0.65 5.10 -5.06
N LYS A 13 -1.19 5.66 -3.98
CA LYS A 13 -0.54 5.60 -2.68
C LYS A 13 -1.52 5.18 -1.59
N CYS A 14 -1.06 4.32 -0.69
CA CYS A 14 -1.91 3.84 0.40
C CYS A 14 -1.91 4.82 1.56
N GLU A 15 -3.05 5.45 1.81
CA GLU A 15 -3.17 6.41 2.91
C GLU A 15 -3.25 5.70 4.25
N THR A 16 -3.73 4.46 4.24
CA THR A 16 -3.86 3.68 5.46
C THR A 16 -2.52 3.53 6.16
N CYS A 17 -1.46 3.34 5.37
CA CYS A 17 -0.12 3.19 5.91
C CYS A 17 0.86 4.14 5.24
N GLY A 18 0.73 4.29 3.92
CA GLY A 18 1.61 5.17 3.17
C GLY A 18 2.33 4.46 2.05
N ALA A 19 1.85 3.27 1.71
CA ALA A 19 2.46 2.47 0.64
C ALA A 19 2.24 3.14 -0.72
N ARG A 20 2.74 2.49 -1.77
CA ARG A 20 2.59 3.01 -3.12
C ARG A 20 2.59 1.88 -4.15
N PHE A 21 2.03 2.15 -5.32
CA PHE A 21 1.96 1.15 -6.38
C PHE A 21 1.80 1.82 -7.74
N VAL A 22 2.15 1.08 -8.80
CA VAL A 22 2.04 1.60 -10.16
C VAL A 22 0.60 1.56 -10.66
N GLN A 23 -0.12 0.50 -10.28
CA GLN A 23 -1.50 0.35 -10.70
C GLN A 23 -2.43 0.23 -9.48
N VAL A 24 -3.64 0.76 -9.61
CA VAL A 24 -4.61 0.71 -8.52
C VAL A 24 -4.91 -0.72 -8.11
N ALA A 25 -5.05 -1.60 -9.10
CA ALA A 25 -5.34 -3.01 -8.85
C ALA A 25 -4.40 -3.57 -7.78
N HIS A 26 -3.20 -2.99 -7.68
CA HIS A 26 -2.22 -3.43 -6.70
C HIS A 26 -2.48 -2.79 -5.34
N LEU A 27 -2.63 -1.47 -5.34
CA LEU A 27 -2.87 -0.73 -4.11
C LEU A 27 -4.19 -1.16 -3.46
N ARG A 28 -5.26 -1.09 -4.24
CA ARG A 28 -6.58 -1.47 -3.75
C ARG A 28 -6.58 -2.92 -3.26
N ALA A 29 -5.58 -3.67 -3.69
CA ALA A 29 -5.47 -5.07 -3.29
C ALA A 29 -4.58 -5.23 -2.07
N HIS A 30 -3.86 -4.17 -1.73
CA HIS A 30 -2.96 -4.19 -0.58
C HIS A 30 -3.61 -3.52 0.63
N VAL A 31 -4.44 -2.50 0.36
CA VAL A 31 -5.13 -1.78 1.43
C VAL A 31 -6.08 -2.70 2.18
N LEU A 32 -6.44 -3.81 1.56
CA LEU A 32 -7.35 -4.77 2.17
C LEU A 32 -6.70 -5.45 3.37
N ILE A 33 -5.37 -5.42 3.41
CA ILE A 33 -4.62 -6.03 4.49
C ILE A 33 -5.04 -5.45 5.85
N HIS A 34 -5.19 -4.13 5.90
CA HIS A 34 -5.60 -3.46 7.12
C HIS A 34 -7.09 -3.65 7.38
N THR A 35 -7.90 -3.41 6.35
CA THR A 35 -9.34 -3.55 6.47
C THR A 35 -9.77 -4.99 6.26
N GLY A 36 -8.92 -5.93 6.66
CA GLY A 36 -9.24 -7.34 6.50
C GLY A 36 -10.49 -7.74 7.25
N SER A 37 -10.47 -7.59 8.57
CA SER A 37 -11.62 -7.95 9.41
C SER A 37 -12.45 -6.71 9.73
N GLY A 38 -12.67 -5.87 8.73
CA GLY A 38 -13.44 -4.66 8.93
C GLY A 38 -12.88 -3.78 10.04
N PRO A 39 -13.24 -2.49 10.01
CA PRO A 39 -12.78 -1.52 11.00
C PRO A 39 -13.40 -1.76 12.37
N SER A 40 -12.55 -1.89 13.39
CA SER A 40 -13.02 -2.12 14.75
C SER A 40 -14.29 -1.33 15.03
N SER A 41 -14.30 -0.07 14.61
CA SER A 41 -15.46 0.80 14.81
C SER A 41 -16.44 0.69 13.65
N GLY A 42 -17.62 0.16 13.93
CA GLY A 42 -18.63 0.01 12.91
C GLY A 42 -18.12 -0.75 11.70
ZN ZN B . -1.20 0.02 3.36
N GLY A 1 14.62 -9.05 4.44
CA GLY A 1 13.93 -8.03 5.22
C GLY A 1 14.51 -6.65 5.00
N SER A 2 15.83 -6.53 5.12
CA SER A 2 16.49 -5.25 4.94
C SER A 2 16.33 -4.75 3.50
N SER A 3 16.80 -5.54 2.54
CA SER A 3 16.71 -5.19 1.14
C SER A 3 15.25 -5.13 0.68
N GLY A 4 14.83 -3.98 0.19
CA GLY A 4 13.46 -3.82 -0.28
C GLY A 4 13.21 -2.44 -0.85
N SER A 5 13.92 -2.10 -1.92
CA SER A 5 13.77 -0.79 -2.56
C SER A 5 12.31 -0.33 -2.50
N SER A 6 12.11 0.86 -1.93
CA SER A 6 10.77 1.42 -1.81
C SER A 6 10.10 1.56 -3.17
N GLY A 7 10.71 2.37 -4.04
CA GLY A 7 10.16 2.59 -5.36
C GLY A 7 10.63 3.89 -5.97
N GLY A 8 9.74 4.53 -6.74
CA GLY A 8 10.08 5.79 -7.37
C GLY A 8 8.90 6.43 -8.07
N GLU A 9 8.34 5.73 -9.05
CA GLU A 9 7.21 6.24 -9.80
C GLU A 9 5.95 5.43 -9.50
N LYS A 10 5.03 6.04 -8.76
CA LYS A 10 3.79 5.38 -8.38
C LYS A 10 2.69 6.41 -8.09
N PRO A 11 1.68 6.46 -8.95
CA PRO A 11 0.55 7.38 -8.80
C PRO A 11 -0.34 7.04 -7.62
N TYR A 12 -0.58 5.74 -7.43
CA TYR A 12 -1.43 5.27 -6.34
C TYR A 12 -0.62 5.15 -5.05
N LYS A 13 -1.18 5.67 -3.96
CA LYS A 13 -0.52 5.63 -2.67
C LYS A 13 -1.49 5.22 -1.57
N CYS A 14 -1.05 4.31 -0.69
CA CYS A 14 -1.89 3.84 0.40
C CYS A 14 -1.85 4.81 1.57
N GLU A 15 -2.99 5.45 1.84
CA GLU A 15 -3.08 6.40 2.95
C GLU A 15 -3.15 5.68 4.29
N THR A 16 -3.67 4.45 4.27
CA THR A 16 -3.78 3.65 5.48
C THR A 16 -2.43 3.48 6.17
N CYS A 17 -1.39 3.30 5.38
CA CYS A 17 -0.04 3.12 5.90
C CYS A 17 0.94 4.08 5.23
N GLY A 18 0.78 4.26 3.93
CA GLY A 18 1.66 5.15 3.18
C GLY A 18 2.38 4.45 2.06
N ALA A 19 1.89 3.26 1.69
CA ALA A 19 2.50 2.49 0.62
C ALA A 19 2.26 3.13 -0.74
N ARG A 20 2.76 2.50 -1.79
CA ARG A 20 2.59 3.02 -3.15
C ARG A 20 2.58 1.88 -4.17
N PHE A 21 2.02 2.14 -5.34
CA PHE A 21 1.93 1.14 -6.40
C PHE A 21 1.78 1.81 -7.75
N VAL A 22 2.13 1.08 -8.81
CA VAL A 22 2.03 1.59 -10.17
C VAL A 22 0.58 1.53 -10.67
N GLN A 23 -0.13 0.48 -10.30
CA GLN A 23 -1.52 0.32 -10.70
C GLN A 23 -2.43 0.19 -9.49
N VAL A 24 -3.64 0.75 -9.60
CA VAL A 24 -4.61 0.70 -8.52
C VAL A 24 -4.90 -0.74 -8.10
N ALA A 25 -5.04 -1.62 -9.10
CA ALA A 25 -5.32 -3.02 -8.83
C ALA A 25 -4.39 -3.57 -7.76
N HIS A 26 -3.19 -3.00 -7.66
CA HIS A 26 -2.22 -3.44 -6.68
C HIS A 26 -2.48 -2.79 -5.32
N LEU A 27 -2.62 -1.47 -5.32
CA LEU A 27 -2.87 -0.73 -4.10
C LEU A 27 -4.20 -1.17 -3.46
N ARG A 28 -5.27 -1.10 -4.24
CA ARG A 28 -6.59 -1.47 -3.74
C ARG A 28 -6.58 -2.92 -3.26
N ALA A 29 -5.60 -3.69 -3.70
CA ALA A 29 -5.48 -5.09 -3.31
C ALA A 29 -4.58 -5.24 -2.08
N HIS A 30 -3.86 -4.18 -1.74
CA HIS A 30 -2.98 -4.19 -0.59
C HIS A 30 -3.63 -3.52 0.61
N VAL A 31 -4.44 -2.51 0.35
CA VAL A 31 -5.14 -1.79 1.42
C VAL A 31 -6.09 -2.71 2.17
N LEU A 32 -6.45 -3.82 1.55
CA LEU A 32 -7.36 -4.79 2.16
C LEU A 32 -6.70 -5.46 3.36
N ILE A 33 -5.38 -5.40 3.41
CA ILE A 33 -4.62 -6.01 4.50
C ILE A 33 -5.02 -5.40 5.84
N HIS A 34 -5.13 -4.09 5.87
CA HIS A 34 -5.50 -3.37 7.10
C HIS A 34 -7.00 -3.51 7.37
N THR A 35 -7.80 -3.03 6.43
CA THR A 35 -9.26 -3.10 6.56
C THR A 35 -9.75 -4.53 6.47
N GLY A 36 -10.66 -4.91 7.37
CA GLY A 36 -11.20 -6.25 7.36
C GLY A 36 -11.29 -6.85 8.75
N SER A 37 -10.30 -7.67 9.10
CA SER A 37 -10.27 -8.32 10.41
C SER A 37 -9.26 -7.63 11.33
N GLY A 38 -7.98 -7.72 10.97
CA GLY A 38 -6.94 -7.11 11.78
C GLY A 38 -5.56 -7.34 11.20
N PRO A 39 -4.72 -6.29 11.23
CA PRO A 39 -3.35 -6.36 10.71
C PRO A 39 -2.44 -7.22 11.58
N SER A 40 -2.53 -7.03 12.89
CA SER A 40 -1.71 -7.80 13.83
C SER A 40 -0.23 -7.53 13.60
N SER A 41 0.11 -6.27 13.33
CA SER A 41 1.50 -5.89 13.08
C SER A 41 1.97 -4.87 14.11
N GLY A 42 1.13 -3.86 14.36
CA GLY A 42 1.48 -2.83 15.32
C GLY A 42 2.61 -1.93 14.83
ZN ZN B . -1.09 0.07 3.32
N GLY A 1 17.69 7.57 11.04
CA GLY A 1 17.82 7.63 9.60
C GLY A 1 17.99 6.25 8.98
N SER A 2 17.29 6.02 7.87
CA SER A 2 17.36 4.75 7.18
C SER A 2 16.82 4.85 5.76
N SER A 3 17.67 4.58 4.78
CA SER A 3 17.28 4.66 3.38
C SER A 3 15.89 4.06 3.16
N GLY A 4 15.26 4.43 2.07
CA GLY A 4 13.94 3.92 1.76
C GLY A 4 13.61 3.98 0.28
N SER A 5 12.63 4.80 -0.07
CA SER A 5 12.23 4.95 -1.47
C SER A 5 13.26 5.73 -2.27
N SER A 6 13.64 5.22 -3.43
CA SER A 6 14.62 5.87 -4.27
C SER A 6 13.96 6.49 -5.50
N GLY A 7 13.43 7.70 -5.35
CA GLY A 7 12.77 8.37 -6.45
C GLY A 7 12.04 7.41 -7.35
N GLY A 8 10.98 6.79 -6.84
CA GLY A 8 10.21 5.85 -7.63
C GLY A 8 9.00 6.50 -8.28
N GLU A 9 8.35 5.76 -9.19
CA GLU A 9 7.18 6.28 -9.89
C GLU A 9 5.94 5.46 -9.53
N LYS A 10 5.05 6.07 -8.76
CA LYS A 10 3.81 5.40 -8.35
C LYS A 10 2.72 6.43 -8.05
N PRO A 11 1.70 6.47 -8.93
CA PRO A 11 0.58 7.39 -8.79
C PRO A 11 -0.32 7.03 -7.60
N TYR A 12 -0.57 5.74 -7.43
CA TYR A 12 -1.41 5.26 -6.35
C TYR A 12 -0.62 5.14 -5.05
N LYS A 13 -1.18 5.66 -3.97
CA LYS A 13 -0.54 5.62 -2.66
C LYS A 13 -1.52 5.19 -1.57
N CYS A 14 -1.07 4.30 -0.69
CA CYS A 14 -1.91 3.81 0.39
C CYS A 14 -1.89 4.79 1.57
N GLU A 15 -3.04 5.40 1.83
CA GLU A 15 -3.16 6.36 2.93
C GLU A 15 -3.24 5.63 4.28
N THR A 16 -3.73 4.40 4.25
CA THR A 16 -3.86 3.60 5.45
C THR A 16 -2.52 3.44 6.16
N CYS A 17 -1.45 3.29 5.37
CA CYS A 17 -0.12 3.14 5.92
C CYS A 17 0.86 4.09 5.24
N GLY A 18 0.71 4.25 3.93
CA GLY A 18 1.60 5.14 3.19
C GLY A 18 2.32 4.43 2.06
N ALA A 19 1.84 3.25 1.70
CA ALA A 19 2.45 2.47 0.63
C ALA A 19 2.23 3.13 -0.73
N ARG A 20 2.72 2.49 -1.78
CA ARG A 20 2.58 3.01 -3.13
C ARG A 20 2.57 1.88 -4.15
N PHE A 21 2.02 2.16 -5.33
CA PHE A 21 1.95 1.15 -6.40
C PHE A 21 1.79 1.83 -7.75
N VAL A 22 2.11 1.10 -8.82
CA VAL A 22 2.01 1.62 -10.17
C VAL A 22 0.56 1.55 -10.67
N GLN A 23 -0.13 0.48 -10.30
CA GLN A 23 -1.52 0.29 -10.71
C GLN A 23 -2.44 0.16 -9.49
N VAL A 24 -3.64 0.74 -9.60
CA VAL A 24 -4.60 0.69 -8.51
C VAL A 24 -4.88 -0.75 -8.09
N ALA A 25 -5.05 -1.62 -9.08
CA ALA A 25 -5.33 -3.02 -8.81
C ALA A 25 -4.40 -3.57 -7.74
N HIS A 26 -3.20 -3.02 -7.66
CA HIS A 26 -2.22 -3.46 -6.68
C HIS A 26 -2.47 -2.80 -5.32
N LEU A 27 -2.62 -1.48 -5.32
CA LEU A 27 -2.87 -0.74 -4.10
C LEU A 27 -4.19 -1.17 -3.46
N ARG A 28 -5.27 -1.08 -4.23
CA ARG A 28 -6.59 -1.46 -3.74
C ARG A 28 -6.59 -2.91 -3.25
N ALA A 29 -5.60 -3.68 -3.70
CA ALA A 29 -5.49 -5.08 -3.31
C ALA A 29 -4.59 -5.23 -2.09
N HIS A 30 -3.87 -4.18 -1.76
CA HIS A 30 -2.97 -4.20 -0.61
C HIS A 30 -3.61 -3.53 0.61
N VAL A 31 -4.43 -2.51 0.34
CA VAL A 31 -5.11 -1.78 1.41
C VAL A 31 -6.07 -2.70 2.17
N LEU A 32 -6.45 -3.80 1.54
CA LEU A 32 -7.36 -4.77 2.16
C LEU A 32 -6.69 -5.45 3.34
N ILE A 33 -5.37 -5.40 3.40
CA ILE A 33 -4.62 -6.01 4.48
C ILE A 33 -5.02 -5.41 5.83
N HIS A 34 -5.13 -4.09 5.87
CA HIS A 34 -5.50 -3.40 7.10
C HIS A 34 -7.00 -3.53 7.37
N THR A 35 -7.80 -3.16 6.38
CA THR A 35 -9.25 -3.23 6.50
C THR A 35 -9.74 -4.68 6.42
N GLY A 36 -10.73 -5.02 7.23
CA GLY A 36 -11.26 -6.36 7.23
C GLY A 36 -10.93 -7.12 8.51
N SER A 37 -9.64 -7.25 8.80
CA SER A 37 -9.20 -7.96 9.99
C SER A 37 -8.90 -6.99 11.12
N GLY A 38 -8.52 -7.53 12.27
CA GLY A 38 -8.21 -6.69 13.43
C GLY A 38 -9.27 -6.78 14.50
N PRO A 39 -9.52 -5.65 15.18
CA PRO A 39 -10.51 -5.59 16.25
C PRO A 39 -11.95 -5.72 15.73
N SER A 40 -12.43 -6.96 15.63
CA SER A 40 -13.77 -7.22 15.15
C SER A 40 -14.38 -8.41 15.85
N SER A 41 -15.70 -8.39 16.04
CA SER A 41 -16.40 -9.47 16.71
C SER A 41 -17.24 -10.26 15.72
N GLY A 42 -16.85 -11.51 15.49
CA GLY A 42 -17.58 -12.36 14.55
C GLY A 42 -16.66 -13.10 13.61
ZN ZN B . -1.07 0.04 3.33
N GLY A 1 7.00 6.69 7.33
CA GLY A 1 6.70 8.08 7.07
C GLY A 1 7.21 8.54 5.72
N SER A 2 8.53 8.50 5.56
CA SER A 2 9.16 8.93 4.31
C SER A 2 10.00 7.80 3.71
N SER A 3 9.43 7.10 2.73
CA SER A 3 10.12 6.00 2.08
C SER A 3 10.23 6.25 0.58
N GLY A 4 11.22 7.05 0.19
CA GLY A 4 11.42 7.34 -1.21
C GLY A 4 11.04 8.77 -1.56
N SER A 5 11.62 9.30 -2.64
CA SER A 5 11.34 10.66 -3.08
C SER A 5 11.92 10.91 -4.47
N SER A 6 11.06 11.37 -5.38
CA SER A 6 11.48 11.65 -6.75
C SER A 6 12.52 10.64 -7.21
N GLY A 7 12.25 9.36 -6.95
CA GLY A 7 13.17 8.31 -7.35
C GLY A 7 12.51 7.23 -8.18
N GLY A 8 11.34 6.78 -7.72
CA GLY A 8 10.62 5.75 -8.44
C GLY A 8 9.47 6.31 -9.25
N GLU A 9 8.33 5.61 -9.21
CA GLU A 9 7.15 6.05 -9.95
C GLU A 9 5.92 5.25 -9.52
N LYS A 10 4.98 5.93 -8.86
CA LYS A 10 3.76 5.29 -8.39
C LYS A 10 2.69 6.33 -8.07
N PRO A 11 1.67 6.43 -8.93
CA PRO A 11 0.57 7.37 -8.76
C PRO A 11 -0.33 7.01 -7.58
N TYR A 12 -0.60 5.71 -7.42
CA TYR A 12 -1.44 5.23 -6.34
C TYR A 12 -0.64 5.09 -5.05
N LYS A 13 -1.18 5.66 -3.97
CA LYS A 13 -0.54 5.60 -2.67
C LYS A 13 -1.52 5.16 -1.58
N CYS A 14 -1.06 4.31 -0.68
CA CYS A 14 -1.90 3.83 0.42
C CYS A 14 -1.87 4.79 1.60
N GLU A 15 -3.00 5.42 1.87
CA GLU A 15 -3.11 6.37 2.97
C GLU A 15 -3.18 5.64 4.31
N THR A 16 -3.69 4.41 4.28
CA THR A 16 -3.81 3.61 5.49
C THR A 16 -2.46 3.45 6.19
N CYS A 17 -1.41 3.27 5.39
CA CYS A 17 -0.07 3.11 5.93
C CYS A 17 0.91 4.07 5.25
N GLY A 18 0.76 4.23 3.94
CA GLY A 18 1.64 5.11 3.20
C GLY A 18 2.36 4.41 2.07
N ALA A 19 1.87 3.23 1.70
CA ALA A 19 2.47 2.45 0.63
C ALA A 19 2.24 3.11 -0.72
N ARG A 20 2.73 2.46 -1.79
CA ARG A 20 2.58 2.99 -3.14
C ARG A 20 2.57 1.86 -4.16
N PHE A 21 2.01 2.14 -5.34
CA PHE A 21 1.93 1.14 -6.40
C PHE A 21 1.77 1.82 -7.75
N VAL A 22 2.12 1.10 -8.82
CA VAL A 22 2.01 1.62 -10.17
C VAL A 22 0.57 1.57 -10.66
N GLN A 23 -0.14 0.50 -10.30
CA GLN A 23 -1.53 0.34 -10.70
C GLN A 23 -2.44 0.21 -9.49
N VAL A 24 -3.65 0.75 -9.61
CA VAL A 24 -4.62 0.70 -8.52
C VAL A 24 -4.92 -0.74 -8.11
N ALA A 25 -5.03 -1.62 -9.10
CA ALA A 25 -5.31 -3.02 -8.83
C ALA A 25 -4.37 -3.58 -7.76
N HIS A 26 -3.19 -3.00 -7.66
CA HIS A 26 -2.20 -3.43 -6.68
C HIS A 26 -2.45 -2.79 -5.32
N LEU A 27 -2.62 -1.47 -5.33
CA LEU A 27 -2.87 -0.71 -4.11
C LEU A 27 -4.19 -1.15 -3.47
N ARG A 28 -5.26 -1.07 -4.24
CA ARG A 28 -6.58 -1.46 -3.74
C ARG A 28 -6.58 -2.91 -3.26
N ALA A 29 -5.59 -3.67 -3.70
CA ALA A 29 -5.47 -5.07 -3.31
C ALA A 29 -4.59 -5.23 -2.08
N HIS A 30 -3.85 -4.16 -1.74
CA HIS A 30 -2.97 -4.19 -0.60
C HIS A 30 -3.62 -3.52 0.61
N VAL A 31 -4.44 -2.49 0.36
CA VAL A 31 -5.12 -1.79 1.42
C VAL A 31 -6.08 -2.70 2.18
N LEU A 32 -6.44 -3.81 1.54
CA LEU A 32 -7.35 -4.77 2.15
C LEU A 32 -6.70 -5.46 3.35
N ILE A 33 -5.38 -5.40 3.41
CA ILE A 33 -4.63 -6.01 4.49
C ILE A 33 -5.03 -5.41 5.84
N HIS A 34 -5.13 -4.09 5.87
CA HIS A 34 -5.50 -3.38 7.10
C HIS A 34 -7.01 -3.52 7.37
N THR A 35 -7.81 -3.13 6.38
CA THR A 35 -9.26 -3.20 6.50
C THR A 35 -9.75 -4.63 6.35
N GLY A 36 -10.63 -5.05 7.26
CA GLY A 36 -11.16 -6.40 7.21
C GLY A 36 -10.60 -7.29 8.31
N SER A 37 -10.31 -8.54 7.96
CA SER A 37 -9.77 -9.49 8.92
C SER A 37 -8.26 -9.34 9.03
N GLY A 38 -7.82 -8.61 10.06
CA GLY A 38 -6.39 -8.41 10.26
C GLY A 38 -6.09 -7.83 11.64
N PRO A 39 -5.92 -6.51 11.70
CA PRO A 39 -5.62 -5.81 12.95
C PRO A 39 -6.80 -5.80 13.92
N SER A 40 -6.87 -6.82 14.77
CA SER A 40 -7.95 -6.93 15.74
C SER A 40 -8.14 -5.62 16.49
N SER A 41 -7.05 -5.06 16.99
CA SER A 41 -7.11 -3.80 17.72
C SER A 41 -8.07 -2.82 17.06
N GLY A 42 -8.63 -1.92 17.87
CA GLY A 42 -9.56 -0.94 17.33
C GLY A 42 -9.03 -0.22 16.11
ZN ZN B . -1.08 0.06 3.34
N GLY A 1 21.89 16.59 4.48
CA GLY A 1 20.72 16.99 3.72
C GLY A 1 20.68 16.36 2.34
N SER A 2 20.49 15.05 2.30
CA SER A 2 20.44 14.31 1.04
C SER A 2 19.10 14.52 0.36
N SER A 3 19.10 15.40 -0.65
CA SER A 3 17.87 15.69 -1.39
C SER A 3 17.90 15.01 -2.77
N GLY A 4 16.91 14.13 -2.99
CA GLY A 4 16.84 13.43 -4.26
C GLY A 4 15.67 12.46 -4.31
N SER A 5 14.81 12.64 -5.30
CA SER A 5 13.65 11.78 -5.46
C SER A 5 13.69 11.03 -6.80
N SER A 6 14.86 10.53 -7.14
CA SER A 6 15.04 9.81 -8.40
C SER A 6 14.83 8.31 -8.20
N GLY A 7 14.55 7.60 -9.30
CA GLY A 7 14.33 6.17 -9.22
C GLY A 7 13.07 5.82 -8.47
N GLY A 8 11.92 6.04 -9.11
CA GLY A 8 10.65 5.73 -8.48
C GLY A 8 9.49 6.42 -9.17
N GLU A 9 8.34 5.75 -9.20
CA GLU A 9 7.14 6.29 -9.84
C GLU A 9 5.91 5.48 -9.48
N LYS A 10 4.98 6.10 -8.76
CA LYS A 10 3.75 5.43 -8.35
C LYS A 10 2.65 6.44 -8.05
N PRO A 11 1.64 6.50 -8.92
CA PRO A 11 0.52 7.42 -8.77
C PRO A 11 -0.39 7.04 -7.60
N TYR A 12 -0.60 5.74 -7.42
CA TYR A 12 -1.44 5.24 -6.34
C TYR A 12 -0.64 5.11 -5.04
N LYS A 13 -1.19 5.65 -3.96
CA LYS A 13 -0.53 5.57 -2.66
C LYS A 13 -1.51 5.16 -1.57
N CYS A 14 -1.05 4.33 -0.65
CA CYS A 14 -1.89 3.86 0.45
C CYS A 14 -1.85 4.83 1.62
N GLU A 15 -2.98 5.48 1.89
CA GLU A 15 -3.08 6.43 2.99
C GLU A 15 -3.15 5.71 4.33
N THR A 16 -3.65 4.48 4.32
CA THR A 16 -3.78 3.69 5.53
C THR A 16 -2.43 3.51 6.22
N CYS A 17 -1.38 3.33 5.41
CA CYS A 17 -0.03 3.15 5.94
C CYS A 17 0.95 4.09 5.25
N GLY A 18 0.79 4.25 3.93
CA GLY A 18 1.67 5.13 3.18
C GLY A 18 2.38 4.41 2.06
N ALA A 19 1.88 3.23 1.71
CA ALA A 19 2.47 2.44 0.63
C ALA A 19 2.25 3.11 -0.72
N ARG A 20 2.74 2.46 -1.78
CA ARG A 20 2.60 2.99 -3.13
C ARG A 20 2.59 1.87 -4.16
N PHE A 21 2.03 2.15 -5.34
CA PHE A 21 1.95 1.16 -6.40
C PHE A 21 1.79 1.84 -7.76
N VAL A 22 2.12 1.11 -8.83
CA VAL A 22 2.01 1.64 -10.18
C VAL A 22 0.57 1.58 -10.68
N GLN A 23 -0.14 0.51 -10.30
CA GLN A 23 -1.52 0.33 -10.71
C GLN A 23 -2.44 0.20 -9.49
N VAL A 24 -3.64 0.76 -9.61
CA VAL A 24 -4.61 0.70 -8.52
C VAL A 24 -4.90 -0.74 -8.11
N ALA A 25 -5.05 -1.61 -9.11
CA ALA A 25 -5.33 -3.01 -8.86
C ALA A 25 -4.41 -3.58 -7.79
N HIS A 26 -3.21 -2.99 -7.68
CA HIS A 26 -2.23 -3.44 -6.70
C HIS A 26 -2.49 -2.79 -5.34
N LEU A 27 -2.62 -1.47 -5.33
CA LEU A 27 -2.86 -0.73 -4.11
C LEU A 27 -4.18 -1.15 -3.47
N ARG A 28 -5.25 -1.10 -4.24
CA ARG A 28 -6.57 -1.49 -3.74
C ARG A 28 -6.56 -2.93 -3.24
N ALA A 29 -5.58 -3.71 -3.70
CA ALA A 29 -5.46 -5.10 -3.30
C ALA A 29 -4.57 -5.24 -2.06
N HIS A 30 -3.86 -4.17 -1.73
CA HIS A 30 -2.96 -4.17 -0.58
C HIS A 30 -3.62 -3.52 0.62
N VAL A 31 -4.44 -2.49 0.36
CA VAL A 31 -5.14 -1.78 1.42
C VAL A 31 -6.09 -2.70 2.18
N LEU A 32 -6.46 -3.81 1.54
CA LEU A 32 -7.36 -4.78 2.15
C LEU A 32 -6.70 -5.47 3.34
N ILE A 33 -5.38 -5.38 3.41
CA ILE A 33 -4.62 -5.99 4.50
C ILE A 33 -5.03 -5.39 5.85
N HIS A 34 -5.16 -4.07 5.90
CA HIS A 34 -5.55 -3.39 7.13
C HIS A 34 -7.04 -3.54 7.39
N THR A 35 -7.85 -3.25 6.37
CA THR A 35 -9.29 -3.35 6.48
C THR A 35 -9.75 -4.81 6.36
N GLY A 36 -9.07 -5.69 7.07
CA GLY A 36 -9.42 -7.10 7.03
C GLY A 36 -10.59 -7.42 7.94
N SER A 37 -10.30 -7.68 9.21
CA SER A 37 -11.33 -8.01 10.18
C SER A 37 -12.01 -6.75 10.70
N GLY A 38 -13.32 -6.86 10.97
CA GLY A 38 -14.06 -5.72 11.48
C GLY A 38 -14.53 -4.80 10.36
N PRO A 39 -15.71 -5.10 9.80
CA PRO A 39 -16.30 -4.30 8.71
C PRO A 39 -16.76 -2.93 9.19
N SER A 40 -16.87 -1.99 8.25
CA SER A 40 -17.29 -0.64 8.58
C SER A 40 -18.72 -0.39 8.11
N SER A 41 -19.60 -1.36 8.38
CA SER A 41 -21.00 -1.25 7.98
C SER A 41 -21.81 -0.53 9.06
N GLY A 42 -21.78 -1.07 10.27
CA GLY A 42 -22.52 -0.47 11.36
C GLY A 42 -23.67 -1.33 11.84
ZN ZN B . -1.14 0.07 3.37
N GLY A 1 20.47 -13.38 -6.07
CA GLY A 1 19.94 -14.22 -7.13
C GLY A 1 18.94 -13.48 -8.00
N SER A 2 17.91 -12.93 -7.38
CA SER A 2 16.87 -12.19 -8.11
C SER A 2 16.70 -10.79 -7.54
N SER A 3 17.52 -9.87 -8.00
CA SER A 3 17.46 -8.49 -7.53
C SER A 3 16.06 -7.91 -7.72
N GLY A 4 15.62 -7.10 -6.76
CA GLY A 4 14.30 -6.51 -6.84
C GLY A 4 14.27 -5.10 -6.27
N SER A 5 15.26 -4.30 -6.61
CA SER A 5 15.34 -2.93 -6.11
C SER A 5 14.01 -2.20 -6.29
N SER A 6 13.77 -1.22 -5.44
CA SER A 6 12.52 -0.45 -5.49
C SER A 6 12.72 0.83 -6.30
N GLY A 7 11.62 1.37 -6.82
CA GLY A 7 11.69 2.59 -7.60
C GLY A 7 11.00 3.76 -6.92
N GLY A 8 10.03 4.36 -7.62
CA GLY A 8 9.32 5.48 -7.05
C GLY A 8 8.05 5.81 -7.84
N GLU A 9 8.17 5.86 -9.16
CA GLU A 9 7.04 6.17 -10.02
C GLU A 9 5.81 5.36 -9.60
N LYS A 10 4.91 6.00 -8.85
CA LYS A 10 3.70 5.34 -8.40
C LYS A 10 2.61 6.37 -8.07
N PRO A 11 1.60 6.46 -8.94
CA PRO A 11 0.48 7.40 -8.76
C PRO A 11 -0.42 7.01 -7.59
N TYR A 12 -0.64 5.71 -7.42
CA TYR A 12 -1.48 5.21 -6.34
C TYR A 12 -0.68 5.06 -5.05
N LYS A 13 -1.19 5.64 -3.97
CA LYS A 13 -0.53 5.57 -2.67
C LYS A 13 -1.52 5.18 -1.58
N CYS A 14 -1.06 4.33 -0.65
CA CYS A 14 -1.91 3.87 0.45
C CYS A 14 -1.85 4.85 1.62
N GLU A 15 -2.97 5.50 1.90
CA GLU A 15 -3.05 6.46 3.00
C GLU A 15 -3.10 5.74 4.34
N THR A 16 -3.62 4.52 4.33
CA THR A 16 -3.74 3.73 5.55
C THR A 16 -2.38 3.55 6.22
N CYS A 17 -1.35 3.34 5.40
CA CYS A 17 0.01 3.16 5.91
C CYS A 17 0.98 4.10 5.22
N GLY A 18 0.81 4.29 3.92
CA GLY A 18 1.68 5.16 3.17
C GLY A 18 2.40 4.45 2.03
N ALA A 19 1.90 3.26 1.68
CA ALA A 19 2.51 2.48 0.61
C ALA A 19 2.26 3.11 -0.75
N ARG A 20 2.77 2.49 -1.80
CA ARG A 20 2.61 3.00 -3.15
C ARG A 20 2.59 1.88 -4.17
N PHE A 21 2.03 2.14 -5.34
CA PHE A 21 1.95 1.14 -6.40
C PHE A 21 1.79 1.81 -7.76
N VAL A 22 2.13 1.07 -8.82
CA VAL A 22 2.03 1.59 -10.18
C VAL A 22 0.59 1.54 -10.67
N GLN A 23 -0.12 0.49 -10.30
CA GLN A 23 -1.52 0.32 -10.70
C GLN A 23 -2.43 0.21 -9.48
N VAL A 24 -3.64 0.75 -9.60
CA VAL A 24 -4.61 0.70 -8.52
C VAL A 24 -4.90 -0.74 -8.10
N ALA A 25 -5.03 -1.62 -9.08
CA ALA A 25 -5.31 -3.02 -8.82
C ALA A 25 -4.38 -3.57 -7.75
N HIS A 26 -3.19 -3.00 -7.66
CA HIS A 26 -2.21 -3.43 -6.67
C HIS A 26 -2.47 -2.78 -5.31
N LEU A 27 -2.60 -1.46 -5.31
CA LEU A 27 -2.85 -0.71 -4.09
C LEU A 27 -4.17 -1.14 -3.45
N ARG A 28 -5.25 -1.07 -4.23
CA ARG A 28 -6.57 -1.45 -3.74
C ARG A 28 -6.57 -2.90 -3.25
N ALA A 29 -5.60 -3.68 -3.72
CA ALA A 29 -5.48 -5.08 -3.32
C ALA A 29 -4.58 -5.22 -2.09
N HIS A 30 -3.87 -4.16 -1.75
CA HIS A 30 -2.98 -4.17 -0.60
C HIS A 30 -3.64 -3.52 0.62
N VAL A 31 -4.44 -2.49 0.36
CA VAL A 31 -5.13 -1.77 1.42
C VAL A 31 -6.08 -2.70 2.18
N LEU A 32 -6.45 -3.80 1.54
CA LEU A 32 -7.35 -4.77 2.15
C LEU A 32 -6.70 -5.45 3.34
N ILE A 33 -5.37 -5.41 3.38
CA ILE A 33 -4.62 -6.02 4.48
C ILE A 33 -5.03 -5.43 5.83
N HIS A 34 -5.14 -4.11 5.87
CA HIS A 34 -5.54 -3.43 7.10
C HIS A 34 -7.03 -3.58 7.37
N THR A 35 -7.84 -3.11 6.43
CA THR A 35 -9.30 -3.21 6.57
C THR A 35 -9.76 -4.65 6.52
N GLY A 36 -10.84 -4.96 7.24
CA GLY A 36 -11.36 -6.30 7.26
C GLY A 36 -11.73 -6.76 8.67
N SER A 37 -12.00 -8.06 8.81
CA SER A 37 -12.37 -8.62 10.09
C SER A 37 -11.13 -8.85 10.96
N GLY A 38 -10.69 -7.80 11.64
CA GLY A 38 -9.52 -7.91 12.49
C GLY A 38 -8.28 -8.31 11.72
N PRO A 39 -7.35 -9.01 12.41
CA PRO A 39 -6.10 -9.47 11.80
C PRO A 39 -6.32 -10.58 10.78
N SER A 40 -6.50 -10.20 9.53
CA SER A 40 -6.73 -11.16 8.46
C SER A 40 -5.92 -12.44 8.70
N SER A 41 -4.62 -12.28 8.88
CA SER A 41 -3.74 -13.42 9.12
C SER A 41 -2.39 -12.95 9.67
N GLY A 42 -1.74 -13.83 10.43
CA GLY A 42 -0.45 -13.49 11.01
C GLY A 42 -0.58 -12.79 12.34
ZN ZN B . -1.20 0.11 3.32
#